data_9GOY
#
_entry.id   9GOY
#
_cell.length_a   131.290
_cell.length_b   61.070
_cell.length_c   124.120
_cell.angle_alpha   90.00
_cell.angle_beta   108.60
_cell.angle_gamma   90.00
#
_symmetry.space_group_name_H-M   'C 1 2 1'
#
loop_
_entity.id
_entity.type
_entity.pdbx_description
1 polymer 'ADP-ribosyl cyclase/cyclic ADP-ribose hydrolase 1'
2 polymer 'Fab E2-RecA heavy chain'
3 polymer 'Fab E2-RecA light chain'
4 non-polymer 'POTASSIUM ION'
5 non-polymer 'CHLORIDE ION'
6 water water
#
loop_
_entity_poly.entity_id
_entity_poly.type
_entity_poly.pdbx_seq_one_letter_code
_entity_poly.pdbx_strand_id
1 'polypeptide(L)'
;RWRQQWSGPGTTKRFPETVLARCVKYTEIHPEMRHVDCQSVWDAFKGAFISKHPCDITEEDYQPLMKLGTQTVPCNKILL
WSRIKDLAHQFTQVQRDMFTLEDTLLGYLADDLTWCGEFATSKINYQSCPDWRKDCSNNPVSVFWKTVSRRFAEAACDVV
HVMLDGSRSKIFDKDSTFGSVEVHNLQPEKVQTLEAWVIHGGREDSRDLCQDPTIKELESIISKRNIQFSCKNIYRPDKF
LQCVKNPEDSSCTSEIHHHHHHHH
;
A
2 'polypeptide(L)'
;QVQLVQSGAEVKKPGSSVKVSCKASGLPDATYAIGWVRQAPGQGLEWMGRIIPRLDAEHYAQKFQGRVTITADESTSTAY
MELSSLRSEDTAVYYCARGLGYYLYSSYYFDIWGQGTLVTVSSASTKGPSVFPLAPSSKSTSGGTAALGCLVKDYFPEPV
TVSWNSGALTSGVHTFPAVLQSSGLYSLSSVVTVPSSSLGTQTYICNVNHKPSNTKVDKKVEPKSC
;
H
3 'polypeptide(L)'
;EIVMTQSPATLSVSPGERATLSCRASQSVSSNLAWYQQKPGQAPRLLIYGASTRATGIPARFSGSGSGTEFTLTISSLQS
EDFAVYYCQQYNNWPWTFGQGTKVEIKRTVAAPSVFIFPPSDEQLKSGTASVVCLLNNFYPREAKVQWKVDNALQSGNSQ
ESVTEQDSKDSTYSLSSTLTLSKADYEKHKVYACEVTHQGLSSPVTKSFNRGEC
;
L
#
# COMPACT_ATOMS: atom_id res chain seq x y z
N TRP A 2 39.34 -33.95 -9.10
CA TRP A 2 40.41 -33.27 -8.31
C TRP A 2 40.80 -31.94 -8.96
N ARG A 3 40.62 -31.85 -10.29
CA ARG A 3 40.75 -30.60 -11.02
C ARG A 3 39.56 -29.71 -10.68
N GLN A 4 39.86 -28.49 -10.20
CA GLN A 4 38.87 -27.52 -9.73
C GLN A 4 38.05 -28.08 -8.58
N GLN A 5 38.67 -28.93 -7.75
CA GLN A 5 38.12 -29.31 -6.46
C GLN A 5 38.56 -28.27 -5.44
N TRP A 6 37.60 -27.67 -4.73
CA TRP A 6 37.88 -26.64 -3.75
C TRP A 6 37.39 -27.06 -2.37
N SER A 7 37.84 -26.32 -1.35
CA SER A 7 37.57 -26.67 0.05
C SER A 7 36.34 -25.92 0.56
N GLY A 8 36.27 -24.61 0.28
CA GLY A 8 35.17 -23.78 0.73
C GLY A 8 33.84 -24.18 0.10
N PRO A 9 32.69 -23.73 0.65
CA PRO A 9 31.38 -24.08 0.10
C PRO A 9 31.15 -23.47 -1.27
N GLY A 10 30.29 -24.13 -2.07
CA GLY A 10 29.99 -23.68 -3.42
C GLY A 10 29.17 -22.39 -3.43
N THR A 11 28.90 -21.88 -4.63
CA THR A 11 28.11 -20.67 -4.80
C THR A 11 26.75 -20.87 -4.13
N THR A 12 26.25 -19.79 -3.51
CA THR A 12 24.97 -19.81 -2.81
C THR A 12 23.86 -20.17 -3.80
N LYS A 13 22.91 -20.98 -3.34
CA LYS A 13 21.79 -21.41 -4.18
C LYS A 13 20.96 -20.17 -4.57
N ARG A 14 20.62 -20.08 -5.86
CA ARG A 14 19.91 -18.94 -6.41
C ARG A 14 20.68 -17.65 -6.09
N PHE A 15 21.95 -17.61 -6.50
CA PHE A 15 22.80 -16.45 -6.30
C PHE A 15 22.35 -15.31 -7.21
N PRO A 16 22.05 -15.55 -8.50
CA PRO A 16 21.58 -14.50 -9.40
C PRO A 16 20.28 -13.83 -8.95
N GLU A 17 19.30 -14.66 -8.54
CA GLU A 17 18.01 -14.17 -8.10
C GLU A 17 18.16 -13.34 -6.84
N THR A 18 19.08 -13.76 -5.95
CA THR A 18 19.29 -13.12 -4.67
C THR A 18 19.87 -11.72 -4.86
N VAL A 19 20.88 -11.61 -5.73
CA VAL A 19 21.59 -10.36 -5.93
C VAL A 19 20.63 -9.31 -6.50
N LEU A 20 19.81 -9.72 -7.48
CA LEU A 20 18.85 -8.84 -8.10
C LEU A 20 17.79 -8.40 -7.09
N ALA A 21 17.25 -9.38 -6.35
CA ALA A 21 16.22 -9.13 -5.35
C ALA A 21 16.69 -8.10 -4.34
N ARG A 22 17.96 -8.21 -3.91
CA ARG A 22 18.56 -7.28 -2.97
C ARG A 22 18.74 -5.90 -3.59
N CYS A 23 19.16 -5.89 -4.87
CA CYS A 23 19.43 -4.64 -5.55
C CYS A 23 18.15 -3.83 -5.73
N VAL A 24 17.05 -4.53 -6.05
CA VAL A 24 15.73 -3.91 -6.18
C VAL A 24 15.31 -3.36 -4.82
N LYS A 25 15.46 -4.21 -3.78
CA LYS A 25 15.03 -3.89 -2.43
C LYS A 25 15.83 -2.73 -1.86
N TYR A 26 17.12 -2.65 -2.21
CA TYR A 26 18.00 -1.64 -1.66
C TYR A 26 17.67 -0.27 -2.25
N THR A 27 17.40 -0.23 -3.57
CA THR A 27 17.11 1.01 -4.27
C THR A 27 15.77 1.59 -3.79
N GLU A 28 14.85 0.71 -3.40
CA GLU A 28 13.58 1.12 -2.84
C GLU A 28 13.79 1.85 -1.51
N ILE A 29 14.72 1.33 -0.68
CA ILE A 29 14.98 1.88 0.64
C ILE A 29 15.83 3.13 0.51
N HIS A 30 16.84 3.09 -0.37
CA HIS A 30 17.77 4.20 -0.53
C HIS A 30 17.45 4.95 -1.82
N PRO A 31 16.79 6.14 -1.74
CA PRO A 31 16.34 6.85 -2.93
C PRO A 31 17.44 7.48 -3.79
N GLU A 32 18.64 7.61 -3.22
CA GLU A 32 19.77 8.22 -3.93
C GLU A 32 20.39 7.21 -4.89
N MET A 33 20.08 5.92 -4.73
CA MET A 33 20.67 4.86 -5.54
C MET A 33 19.66 4.31 -6.53
N ARG A 34 18.58 5.05 -6.81
CA ARG A 34 17.51 4.59 -7.68
C ARG A 34 17.94 4.69 -9.15
N HIS A 35 19.00 5.45 -9.43
CA HIS A 35 19.52 5.60 -10.77
C HIS A 35 20.15 4.30 -11.26
N VAL A 36 20.53 3.42 -10.32
CA VAL A 36 21.20 2.17 -10.62
C VAL A 36 20.21 1.20 -11.26
N ASP A 37 20.58 0.69 -12.45
CA ASP A 37 19.87 -0.40 -13.09
C ASP A 37 20.36 -1.71 -12.51
N CYS A 38 19.44 -2.50 -11.93
CA CYS A 38 19.80 -3.68 -11.16
C CYS A 38 20.23 -4.82 -12.08
N GLN A 39 19.75 -4.80 -13.33
CA GLN A 39 20.19 -5.77 -14.33
C GLN A 39 21.64 -5.50 -14.72
N SER A 40 21.99 -4.22 -14.87
CA SER A 40 23.34 -3.82 -15.23
C SER A 40 24.32 -4.18 -14.11
N VAL A 41 23.87 -4.05 -12.86
CA VAL A 41 24.69 -4.39 -11.70
C VAL A 41 25.01 -5.88 -11.72
N TRP A 42 24.00 -6.72 -12.02
CA TRP A 42 24.20 -8.16 -12.06
C TRP A 42 25.13 -8.54 -13.21
N ASP A 43 25.04 -7.82 -14.33
CA ASP A 43 25.89 -8.07 -15.49
C ASP A 43 27.34 -7.79 -15.13
N ALA A 44 27.59 -6.66 -14.46
CA ALA A 44 28.93 -6.25 -14.06
C ALA A 44 29.47 -7.17 -12.96
N PHE A 45 28.55 -7.72 -12.16
CA PHE A 45 28.90 -8.63 -11.07
C PHE A 45 29.31 -9.98 -11.68
N LYS A 46 28.43 -10.53 -12.53
CA LYS A 46 28.64 -11.83 -13.15
C LYS A 46 29.92 -11.81 -13.98
N GLY A 47 30.08 -10.77 -14.82
CA GLY A 47 31.20 -10.67 -15.73
C GLY A 47 32.56 -10.62 -15.03
N ALA A 48 32.55 -10.29 -13.73
CA ALA A 48 33.78 -10.16 -12.95
C ALA A 48 34.46 -11.50 -12.75
N PHE A 49 33.69 -12.52 -12.34
CA PHE A 49 34.26 -13.79 -11.90
C PHE A 49 33.96 -14.93 -12.88
N ILE A 50 33.06 -14.70 -13.84
CA ILE A 50 32.62 -15.75 -14.75
C ILE A 50 33.66 -15.92 -15.87
N SER A 51 33.83 -17.17 -16.31
CA SER A 51 34.76 -17.54 -17.38
C SER A 51 36.20 -17.14 -17.03
N LYS A 52 36.51 -17.11 -15.73
CA LYS A 52 37.83 -16.74 -15.24
C LYS A 52 38.20 -17.67 -14.10
N HIS A 53 39.50 -17.95 -13.96
CA HIS A 53 39.96 -18.96 -13.01
C HIS A 53 39.73 -18.46 -11.58
N PRO A 54 39.18 -19.30 -10.67
CA PRO A 54 38.82 -18.85 -9.32
C PRO A 54 39.96 -18.40 -8.43
N CYS A 55 41.21 -18.65 -8.85
CA CYS A 55 42.38 -18.39 -8.02
C CYS A 55 43.21 -17.25 -8.61
N ASP A 56 42.70 -16.58 -9.64
CA ASP A 56 43.45 -15.57 -10.35
C ASP A 56 42.54 -14.40 -10.71
N ILE A 57 41.83 -13.89 -9.69
CA ILE A 57 40.93 -12.75 -9.85
C ILE A 57 41.71 -11.48 -9.50
N THR A 58 41.39 -10.38 -10.20
CA THR A 58 42.04 -9.10 -9.98
C THR A 58 41.00 -8.08 -9.52
N GLU A 59 41.47 -6.87 -9.20
CA GLU A 59 40.60 -5.77 -8.79
C GLU A 59 39.94 -5.15 -10.03
N GLU A 60 40.57 -5.33 -11.20
CA GLU A 60 40.05 -4.78 -12.44
C GLU A 60 38.86 -5.59 -12.94
N ASP A 61 38.70 -6.82 -12.43
CA ASP A 61 37.53 -7.64 -12.74
C ASP A 61 36.28 -7.00 -12.13
N TYR A 62 36.43 -6.39 -10.95
CA TYR A 62 35.32 -5.78 -10.23
C TYR A 62 35.24 -4.28 -10.49
N GLN A 63 36.20 -3.75 -11.27
CA GLN A 63 36.24 -2.33 -11.60
C GLN A 63 34.91 -1.87 -12.22
N PRO A 64 34.33 -2.59 -13.21
CA PRO A 64 33.06 -2.16 -13.80
C PRO A 64 31.89 -2.14 -12.82
N LEU A 65 31.91 -3.04 -11.83
CA LEU A 65 30.89 -3.10 -10.79
C LEU A 65 31.06 -1.94 -9.82
N MET A 66 32.32 -1.52 -9.59
CA MET A 66 32.62 -0.42 -8.69
C MET A 66 32.03 0.88 -9.22
N LYS A 67 31.97 1.00 -10.55
CA LYS A 67 31.46 2.19 -11.21
C LYS A 67 29.93 2.23 -11.09
N LEU A 68 29.28 1.09 -11.36
CA LEU A 68 27.83 1.00 -11.30
C LEU A 68 27.33 1.27 -9.88
N GLY A 69 28.10 0.81 -8.88
CA GLY A 69 27.70 0.91 -7.48
C GLY A 69 28.50 1.95 -6.71
N THR A 70 28.75 3.11 -7.32
CA THR A 70 29.39 4.23 -6.65
C THR A 70 28.35 4.90 -5.74
N GLN A 71 28.76 5.23 -4.52
CA GLN A 71 27.84 5.74 -3.52
C GLN A 71 28.56 6.74 -2.61
N THR A 72 27.83 7.79 -2.21
CA THR A 72 28.38 8.84 -1.37
C THR A 72 27.63 8.87 -0.04
N VAL A 73 28.08 8.01 0.90
CA VAL A 73 27.56 8.02 2.26
C VAL A 73 28.24 9.12 3.04
N PRO A 74 27.66 9.62 4.15
CA PRO A 74 28.34 10.58 5.02
C PRO A 74 29.60 9.94 5.63
N CYS A 75 30.76 10.54 5.32
CA CYS A 75 32.05 9.94 5.58
C CYS A 75 32.45 10.11 7.06
N ASN A 76 31.82 11.06 7.75
CA ASN A 76 32.06 11.28 9.17
C ASN A 76 31.22 10.29 10.00
N LYS A 77 30.20 9.68 9.38
CA LYS A 77 29.32 8.75 10.04
C LYS A 77 29.55 7.33 9.50
N ILE A 78 30.79 6.84 9.62
CA ILE A 78 31.14 5.50 9.19
C ILE A 78 31.53 4.66 10.40
N LEU A 79 31.12 3.38 10.36
CA LEU A 79 31.45 2.42 11.40
C LEU A 79 32.13 1.20 10.78
N LEU A 80 33.38 0.96 11.18
CA LEU A 80 34.09 -0.26 10.84
C LEU A 80 33.81 -1.30 11.92
N TRP A 81 34.27 -2.54 11.68
CA TRP A 81 34.12 -3.62 12.65
C TRP A 81 35.12 -4.72 12.33
N SER A 82 35.42 -5.54 13.34
CA SER A 82 36.27 -6.71 13.16
C SER A 82 35.76 -7.86 14.03
N ARG A 83 35.17 -8.86 13.35
CA ARG A 83 34.62 -10.06 13.98
C ARG A 83 33.44 -9.69 14.87
N ILE A 84 32.77 -8.58 14.54
CA ILE A 84 31.52 -8.18 15.16
C ILE A 84 30.62 -7.61 14.06
N LYS A 85 30.18 -8.47 13.15
CA LYS A 85 29.33 -8.05 12.05
C LYS A 85 27.91 -7.82 12.56
N ASP A 86 27.42 -8.76 13.37
CA ASP A 86 26.02 -8.79 13.79
C ASP A 86 25.69 -7.57 14.64
N LEU A 87 26.53 -7.28 15.64
CA LEU A 87 26.26 -6.21 16.58
C LEU A 87 26.46 -4.85 15.91
N ALA A 88 27.43 -4.77 14.99
CA ALA A 88 27.70 -3.54 14.27
C ALA A 88 26.51 -3.17 13.39
N HIS A 89 25.85 -4.18 12.82
CA HIS A 89 24.67 -3.98 11.98
C HIS A 89 23.48 -3.58 12.85
N GLN A 90 23.33 -4.21 14.02
CA GLN A 90 22.28 -3.88 14.96
C GLN A 90 22.39 -2.41 15.40
N PHE A 91 23.63 -1.93 15.53
CA PHE A 91 23.89 -0.55 15.92
C PHE A 91 23.40 0.41 14.83
N THR A 92 23.77 0.11 13.58
CA THR A 92 23.44 0.96 12.45
C THR A 92 21.95 0.84 12.09
N GLN A 93 21.34 -0.30 12.45
CA GLN A 93 19.91 -0.51 12.23
C GLN A 93 19.12 0.34 13.21
N VAL A 94 19.64 0.49 14.43
CA VAL A 94 19.03 1.34 15.45
C VAL A 94 19.31 2.80 15.10
N GLN A 95 20.59 3.19 15.15
CA GLN A 95 21.02 4.54 14.82
C GLN A 95 21.31 4.60 13.32
N ARG A 96 20.41 5.26 12.58
CA ARG A 96 20.31 5.08 11.14
C ARG A 96 21.31 5.94 10.36
N ASP A 97 21.92 6.93 11.03
CA ASP A 97 22.81 7.86 10.33
C ASP A 97 24.21 7.27 10.23
N MET A 98 24.51 6.23 11.00
CA MET A 98 25.78 5.52 10.90
C MET A 98 25.68 4.43 9.83
N PHE A 99 26.79 4.23 9.10
CA PHE A 99 26.85 3.27 8.01
C PHE A 99 28.02 2.32 8.22
N THR A 100 27.78 1.01 8.01
CA THR A 100 28.83 0.02 7.86
C THR A 100 29.06 -0.22 6.37
N LEU A 101 29.98 -1.15 6.06
CA LEU A 101 30.26 -1.51 4.68
C LEU A 101 29.04 -2.18 4.03
N GLU A 102 28.29 -2.95 4.83
CA GLU A 102 27.20 -3.76 4.32
C GLU A 102 25.93 -2.92 4.16
N ASP A 103 25.96 -1.67 4.62
CA ASP A 103 24.84 -0.76 4.47
C ASP A 103 24.95 0.01 3.16
N THR A 104 26.08 -0.17 2.44
CA THR A 104 26.21 0.30 1.07
C THR A 104 25.60 -0.73 0.13
N LEU A 105 25.40 -0.35 -1.14
CA LEU A 105 24.78 -1.22 -2.12
C LEU A 105 25.61 -2.48 -2.31
N LEU A 106 26.88 -2.31 -2.70
CA LEU A 106 27.74 -3.42 -3.07
C LEU A 106 27.90 -4.38 -1.89
N GLY A 107 28.07 -3.82 -0.68
CA GLY A 107 28.17 -4.62 0.53
C GLY A 107 26.89 -5.38 0.84
N TYR A 108 25.74 -4.70 0.69
CA TYR A 108 24.43 -5.26 0.94
C TYR A 108 24.21 -6.47 0.03
N LEU A 109 24.58 -6.33 -1.25
CA LEU A 109 24.34 -7.36 -2.26
C LEU A 109 25.02 -8.67 -1.87
N ALA A 110 26.29 -8.60 -1.46
CA ALA A 110 27.16 -9.76 -1.40
C ALA A 110 27.37 -10.26 0.03
N ASP A 111 26.70 -9.63 1.01
CA ASP A 111 26.89 -10.00 2.41
C ASP A 111 26.33 -11.40 2.65
N ASP A 112 27.16 -12.26 3.26
CA ASP A 112 26.80 -13.62 3.63
C ASP A 112 26.57 -14.48 2.38
N LEU A 113 27.20 -14.10 1.27
CA LEU A 113 27.07 -14.85 0.01
C LEU A 113 28.44 -15.33 -0.45
N THR A 114 28.46 -16.52 -1.06
CA THR A 114 29.64 -17.09 -1.67
C THR A 114 29.37 -17.27 -3.17
N TRP A 115 30.42 -17.15 -3.99
CA TRP A 115 30.28 -17.26 -5.43
C TRP A 115 31.64 -17.51 -6.07
N CYS A 116 31.63 -18.31 -7.16
CA CYS A 116 32.77 -18.43 -8.06
C CYS A 116 32.32 -19.11 -9.34
N GLY A 117 33.18 -19.07 -10.37
CA GLY A 117 32.89 -19.66 -11.66
C GLY A 117 34.10 -20.38 -12.25
N GLU A 118 33.84 -21.33 -13.15
CA GLU A 118 34.87 -22.15 -13.77
C GLU A 118 35.54 -21.36 -14.89
N PHE A 119 36.75 -21.80 -15.29
CA PHE A 119 37.52 -21.10 -16.30
C PHE A 119 36.95 -21.37 -17.69
N ALA A 120 36.90 -22.66 -18.06
CA ALA A 120 36.53 -23.06 -19.41
C ALA A 120 35.11 -22.63 -19.73
N THR A 121 34.15 -23.09 -18.90
CA THR A 121 32.75 -22.80 -19.10
C THR A 121 32.42 -21.40 -18.60
N SER A 122 31.22 -20.92 -18.97
CA SER A 122 30.68 -19.67 -18.46
C SER A 122 29.55 -19.96 -17.48
N LYS A 123 29.72 -21.02 -16.68
CA LYS A 123 28.70 -21.47 -15.74
C LYS A 123 29.20 -21.26 -14.31
N ILE A 124 28.27 -20.97 -13.40
CA ILE A 124 28.57 -20.76 -12.00
C ILE A 124 28.85 -22.12 -11.36
N ASN A 125 29.76 -22.13 -10.37
CA ASN A 125 30.17 -23.34 -9.68
C ASN A 125 29.41 -23.44 -8.35
N TYR A 126 28.46 -24.37 -8.28
CA TYR A 126 27.65 -24.57 -7.09
C TYR A 126 28.20 -25.70 -6.23
N GLN A 127 29.22 -26.41 -6.73
CA GLN A 127 29.78 -27.55 -6.01
C GLN A 127 30.69 -27.04 -4.89
N SER A 128 31.69 -26.22 -5.25
CA SER A 128 32.66 -25.73 -4.28
C SER A 128 33.28 -24.42 -4.78
N CYS A 129 33.90 -23.68 -3.85
CA CYS A 129 34.62 -22.46 -4.17
C CYS A 129 35.90 -22.38 -3.33
N PRO A 130 36.94 -21.65 -3.80
CA PRO A 130 38.23 -21.62 -3.12
C PRO A 130 38.17 -20.97 -1.74
N ASP A 131 38.64 -21.70 -0.73
CA ASP A 131 38.84 -21.15 0.61
C ASP A 131 40.03 -20.19 0.54
N TRP A 132 39.92 -19.09 1.29
CA TRP A 132 40.97 -18.07 1.31
C TRP A 132 42.29 -18.66 1.78
N ARG A 133 42.23 -19.41 2.89
CA ARG A 133 43.43 -19.90 3.56
C ARG A 133 43.93 -21.18 2.89
N LYS A 134 43.03 -22.16 2.74
CA LYS A 134 43.41 -23.51 2.38
C LYS A 134 43.68 -23.62 0.87
N ASP A 135 42.90 -22.90 0.05
CA ASP A 135 42.99 -23.03 -1.40
C ASP A 135 43.73 -21.84 -2.00
N CYS A 136 43.03 -20.70 -2.13
CA CYS A 136 43.48 -19.60 -2.97
C CYS A 136 43.07 -18.26 -2.35
N SER A 137 44.02 -17.35 -2.22
CA SER A 137 43.80 -16.06 -1.60
C SER A 137 43.02 -15.13 -2.54
N ASN A 138 43.26 -15.27 -3.85
CA ASN A 138 42.70 -14.36 -4.84
C ASN A 138 41.45 -14.98 -5.44
N ASN A 139 40.43 -15.21 -4.59
CA ASN A 139 39.18 -15.81 -5.01
C ASN A 139 38.13 -14.71 -5.16
N PRO A 140 37.10 -14.92 -6.02
CA PRO A 140 36.06 -13.92 -6.26
C PRO A 140 35.55 -13.17 -5.03
N VAL A 141 35.20 -13.92 -3.98
CA VAL A 141 34.65 -13.34 -2.76
C VAL A 141 35.71 -12.47 -2.10
N SER A 142 36.91 -13.04 -1.89
CA SER A 142 38.00 -12.38 -1.21
C SER A 142 38.41 -11.10 -1.96
N VAL A 143 38.54 -11.21 -3.28
CA VAL A 143 39.01 -10.10 -4.11
C VAL A 143 37.93 -9.01 -4.14
N PHE A 144 36.65 -9.40 -4.09
CA PHE A 144 35.56 -8.45 -4.02
C PHE A 144 35.66 -7.64 -2.73
N TRP A 145 35.73 -8.33 -1.60
CA TRP A 145 35.71 -7.68 -0.29
C TRP A 145 36.93 -6.78 -0.10
N LYS A 146 38.06 -7.14 -0.71
CA LYS A 146 39.27 -6.34 -0.63
C LYS A 146 39.08 -5.04 -1.41
N THR A 147 38.39 -5.12 -2.55
CA THR A 147 38.21 -3.97 -3.43
C THR A 147 37.24 -2.96 -2.81
N VAL A 148 36.11 -3.46 -2.28
CA VAL A 148 35.07 -2.60 -1.73
C VAL A 148 35.52 -2.00 -0.41
N SER A 149 36.26 -2.78 0.39
CA SER A 149 36.74 -2.32 1.69
C SER A 149 37.82 -1.26 1.52
N ARG A 150 38.53 -1.29 0.38
CA ARG A 150 39.54 -0.29 0.06
C ARG A 150 38.86 1.05 -0.23
N ARG A 151 37.86 1.04 -1.11
N ARG A 151 37.85 1.03 -1.11
CA ARG A 151 37.15 2.25 -1.50
CA ARG A 151 37.14 2.24 -1.51
C ARG A 151 36.39 2.85 -0.32
C ARG A 151 36.40 2.84 -0.33
N PHE A 152 35.81 1.97 0.51
CA PHE A 152 35.02 2.39 1.66
C PHE A 152 35.91 3.04 2.71
N ALA A 153 37.10 2.46 2.94
CA ALA A 153 38.03 2.95 3.95
C ALA A 153 38.67 4.27 3.52
N GLU A 154 38.93 4.40 2.21
CA GLU A 154 39.49 5.63 1.65
C GLU A 154 38.51 6.79 1.81
N ALA A 155 37.21 6.50 1.65
CA ALA A 155 36.17 7.53 1.59
C ALA A 155 35.96 8.17 2.97
N ALA A 156 36.33 7.46 4.04
CA ALA A 156 36.04 7.89 5.40
C ALA A 156 36.82 9.15 5.76
N CYS A 157 36.26 9.93 6.70
CA CYS A 157 36.85 11.19 7.14
C CYS A 157 36.45 11.49 8.58
N ASP A 158 37.10 12.52 9.15
CA ASP A 158 36.82 13.01 10.49
C ASP A 158 37.06 11.88 11.50
N VAL A 159 36.00 11.48 12.22
CA VAL A 159 36.12 10.48 13.27
C VAL A 159 35.50 9.18 12.76
N VAL A 160 36.37 8.22 12.39
CA VAL A 160 35.95 6.89 12.01
C VAL A 160 35.87 6.04 13.28
N HIS A 161 34.93 5.08 13.31
CA HIS A 161 34.76 4.20 14.44
C HIS A 161 35.07 2.77 14.02
N VAL A 162 35.47 1.94 14.99
CA VAL A 162 35.69 0.52 14.78
C VAL A 162 35.19 -0.23 16.01
N MET A 163 34.39 -1.28 15.76
CA MET A 163 33.80 -2.08 16.82
C MET A 163 34.51 -3.43 16.88
N LEU A 164 35.27 -3.65 17.96
CA LEU A 164 36.09 -4.85 18.13
C LEU A 164 35.43 -5.81 19.12
N ASP A 165 35.97 -7.03 19.18
CA ASP A 165 35.48 -8.07 20.07
C ASP A 165 36.53 -8.34 21.14
N GLY A 166 36.17 -8.08 22.41
CA GLY A 166 37.08 -8.24 23.53
C GLY A 166 37.35 -9.71 23.84
N SER A 167 36.34 -10.56 23.67
CA SER A 167 36.40 -11.96 24.10
C SER A 167 37.28 -12.78 23.17
N ARG A 168 37.12 -12.61 21.86
CA ARG A 168 37.77 -13.45 20.86
C ARG A 168 39.29 -13.24 20.92
N SER A 169 39.95 -14.01 21.78
CA SER A 169 41.40 -14.09 21.84
C SER A 169 42.02 -12.69 21.72
N LYS A 170 42.97 -12.53 20.78
CA LYS A 170 43.55 -11.23 20.47
C LYS A 170 42.46 -10.34 19.87
N ILE A 171 42.28 -9.15 20.46
CA ILE A 171 41.16 -8.28 20.15
C ILE A 171 41.35 -7.70 18.75
N PHE A 172 42.47 -6.98 18.56
CA PHE A 172 42.87 -6.52 17.24
C PHE A 172 43.71 -7.62 16.58
N ASP A 173 43.48 -7.82 15.28
CA ASP A 173 44.20 -8.82 14.50
C ASP A 173 44.67 -8.18 13.20
N LYS A 174 45.99 -8.14 13.01
CA LYS A 174 46.59 -7.51 11.84
C LYS A 174 46.32 -8.34 10.60
N ASP A 175 46.15 -9.66 10.76
CA ASP A 175 45.96 -10.58 9.66
C ASP A 175 44.50 -10.56 9.18
N SER A 176 43.63 -9.87 9.92
CA SER A 176 42.23 -9.73 9.53
C SER A 176 42.08 -8.70 8.42
N THR A 177 40.89 -8.68 7.80
CA THR A 177 40.58 -7.76 6.71
C THR A 177 40.65 -6.31 7.20
N PHE A 178 40.24 -6.09 8.46
CA PHE A 178 40.30 -4.76 9.05
C PHE A 178 41.75 -4.34 9.21
N GLY A 179 42.56 -5.21 9.82
CA GLY A 179 43.94 -4.90 10.14
C GLY A 179 44.81 -4.71 8.91
N SER A 180 44.53 -5.46 7.84
CA SER A 180 45.36 -5.47 6.65
C SER A 180 44.91 -4.38 5.67
N VAL A 181 43.61 -4.38 5.33
CA VAL A 181 43.08 -3.55 4.26
C VAL A 181 42.58 -2.22 4.83
N GLU A 182 41.57 -2.29 5.69
CA GLU A 182 40.80 -1.13 6.11
C GLU A 182 41.71 -0.09 6.76
N VAL A 183 42.54 -0.55 7.70
CA VAL A 183 43.38 0.33 8.51
C VAL A 183 44.39 1.07 7.64
N HIS A 184 44.92 0.36 6.63
CA HIS A 184 46.02 0.88 5.82
C HIS A 184 45.51 1.85 4.75
N ASN A 185 44.19 1.88 4.52
CA ASN A 185 43.60 2.72 3.49
C ASN A 185 42.91 3.95 4.11
N LEU A 186 43.00 4.10 5.44
CA LEU A 186 42.48 5.28 6.12
C LEU A 186 43.38 6.47 5.83
N GLN A 187 42.97 7.31 4.88
CA GLN A 187 43.77 8.44 4.43
C GLN A 187 43.79 9.52 5.51
N PRO A 188 44.97 9.93 6.00
CA PRO A 188 45.05 10.91 7.09
C PRO A 188 44.69 12.35 6.71
N GLU A 189 44.61 12.62 5.40
CA GLU A 189 44.15 13.92 4.91
C GLU A 189 42.72 14.17 5.40
N LYS A 190 41.87 13.15 5.25
CA LYS A 190 40.46 13.26 5.55
C LYS A 190 40.17 12.72 6.96
N VAL A 191 40.75 11.56 7.29
CA VAL A 191 40.52 10.91 8.57
C VAL A 191 41.35 11.62 9.64
N GLN A 192 40.71 11.91 10.78
CA GLN A 192 41.32 12.63 11.88
C GLN A 192 41.58 11.68 13.05
N THR A 193 40.55 10.90 13.43
CA THR A 193 40.60 10.06 14.61
C THR A 193 40.02 8.68 14.28
N LEU A 194 40.48 7.66 15.01
CA LEU A 194 39.88 6.33 14.97
C LEU A 194 39.59 5.88 16.40
N GLU A 195 38.32 5.96 16.80
CA GLU A 195 37.87 5.53 18.11
C GLU A 195 37.53 4.04 18.06
N ALA A 196 38.06 3.27 19.02
CA ALA A 196 37.85 1.84 19.09
C ALA A 196 36.83 1.52 20.18
N TRP A 197 35.80 0.74 19.82
CA TRP A 197 34.81 0.26 20.76
C TRP A 197 35.06 -1.22 21.04
N VAL A 198 35.54 -1.54 22.25
CA VAL A 198 35.85 -2.91 22.63
C VAL A 198 34.66 -3.49 23.38
N ILE A 199 34.04 -4.52 22.79
CA ILE A 199 32.84 -5.13 23.34
C ILE A 199 33.24 -6.33 24.20
N HIS A 200 32.60 -6.45 25.37
CA HIS A 200 32.88 -7.51 26.33
C HIS A 200 31.84 -8.62 26.17
N GLY A 201 32.07 -9.74 26.86
CA GLY A 201 31.17 -10.88 26.83
C GLY A 201 29.92 -10.65 27.69
N GLY A 202 29.61 -11.62 28.56
CA GLY A 202 28.46 -11.56 29.43
C GLY A 202 28.85 -11.20 30.86
N ARG A 203 29.41 -10.00 31.04
CA ARG A 203 29.92 -9.52 32.31
C ARG A 203 30.98 -10.49 32.84
N GLU A 204 31.91 -10.87 31.94
CA GLU A 204 33.00 -11.77 32.28
C GLU A 204 34.20 -10.93 32.73
N ASP A 205 34.63 -10.02 31.84
CA ASP A 205 35.80 -9.18 32.08
C ASP A 205 35.36 -7.85 32.67
N SER A 206 35.74 -7.61 33.92
CA SER A 206 35.56 -6.30 34.56
C SER A 206 36.82 -5.45 34.38
N ARG A 207 37.86 -6.04 33.77
CA ARG A 207 39.12 -5.35 33.54
C ARG A 207 38.97 -4.39 32.37
N ASP A 208 39.99 -3.54 32.18
CA ASP A 208 40.03 -2.61 31.07
C ASP A 208 40.78 -3.27 29.91
N LEU A 209 40.13 -3.30 28.74
CA LEU A 209 40.65 -4.01 27.57
C LEU A 209 41.33 -3.04 26.60
N CYS A 210 41.49 -1.77 27.03
CA CYS A 210 42.18 -0.77 26.22
C CYS A 210 43.69 -0.86 26.42
N GLN A 211 44.12 -1.55 27.48
CA GLN A 211 45.53 -1.77 27.76
C GLN A 211 46.01 -3.08 27.12
N ASP A 212 45.11 -3.77 26.41
CA ASP A 212 45.46 -4.98 25.69
C ASP A 212 46.56 -4.64 24.68
N PRO A 213 47.63 -5.46 24.57
CA PRO A 213 48.78 -5.13 23.71
C PRO A 213 48.47 -5.05 22.21
N THR A 214 47.39 -5.71 21.77
CA THR A 214 46.97 -5.66 20.38
C THR A 214 46.33 -4.31 20.06
N ILE A 215 45.72 -3.68 21.07
CA ILE A 215 45.19 -2.32 20.93
C ILE A 215 46.35 -1.34 20.92
N LYS A 216 47.36 -1.58 21.76
CA LYS A 216 48.55 -0.75 21.82
C LYS A 216 49.30 -0.82 20.48
N GLU A 217 49.23 -1.99 19.82
CA GLU A 217 49.77 -2.16 18.49
C GLU A 217 48.96 -1.31 17.51
N LEU A 218 47.63 -1.49 17.53
CA LEU A 218 46.71 -0.74 16.68
C LEU A 218 46.95 0.77 16.87
N GLU A 219 47.10 1.19 18.13
CA GLU A 219 47.41 2.56 18.46
C GLU A 219 48.67 3.00 17.73
N SER A 220 49.72 2.17 17.81
CA SER A 220 51.01 2.46 17.22
C SER A 220 50.91 2.53 15.70
N ILE A 221 50.11 1.64 15.11
CA ILE A 221 49.92 1.60 13.67
C ILE A 221 49.24 2.90 13.22
N ILE A 222 48.14 3.25 13.89
CA ILE A 222 47.35 4.42 13.54
C ILE A 222 48.15 5.70 13.83
N SER A 223 48.94 5.68 14.91
CA SER A 223 49.74 6.84 15.31
C SER A 223 50.81 7.16 14.27
N LYS A 224 51.33 6.11 13.60
CA LYS A 224 52.40 6.28 12.62
C LYS A 224 51.84 6.79 11.30
N ARG A 225 50.50 6.78 11.16
CA ARG A 225 49.83 7.34 9.99
C ARG A 225 49.43 8.79 10.26
N ASN A 226 49.80 9.31 11.44
CA ASN A 226 49.53 10.69 11.83
C ASN A 226 48.03 10.87 12.05
N ILE A 227 47.43 9.89 12.76
CA ILE A 227 46.01 9.87 13.04
C ILE A 227 45.83 9.60 14.54
N GLN A 228 44.82 10.25 15.13
CA GLN A 228 44.51 10.11 16.55
C GLN A 228 43.86 8.74 16.80
N PHE A 229 44.07 8.20 18.00
CA PHE A 229 43.48 6.93 18.39
C PHE A 229 42.81 7.07 19.76
N SER A 230 41.47 7.11 19.75
CA SER A 230 40.68 6.98 20.96
C SER A 230 40.36 5.50 21.19
N CYS A 231 39.89 5.18 22.40
CA CYS A 231 39.51 3.82 22.75
C CYS A 231 38.58 3.83 23.95
N LYS A 232 37.45 3.12 23.84
CA LYS A 232 36.45 3.05 24.90
C LYS A 232 36.07 1.61 25.16
N ASN A 233 35.53 1.36 26.36
CA ASN A 233 35.06 0.05 26.77
C ASN A 233 33.54 0.03 26.76
N ILE A 234 32.96 -0.96 26.07
CA ILE A 234 31.52 -1.19 26.09
C ILE A 234 31.26 -2.41 26.98
N TYR A 235 31.03 -2.13 28.27
CA TYR A 235 30.88 -3.17 29.28
C TYR A 235 29.53 -3.87 29.13
N ARG A 236 28.48 -3.08 28.84
CA ARG A 236 27.14 -3.60 28.60
C ARG A 236 26.73 -3.34 27.15
N PRO A 237 26.85 -4.35 26.25
CA PRO A 237 26.40 -4.21 24.86
C PRO A 237 24.89 -4.00 24.71
N ASP A 238 24.10 -4.73 25.52
CA ASP A 238 22.65 -4.72 25.42
C ASP A 238 22.10 -3.35 25.80
N LYS A 239 22.65 -2.77 26.88
CA LYS A 239 22.24 -1.46 27.35
C LYS A 239 22.76 -0.37 26.41
N PHE A 240 23.89 -0.64 25.75
CA PHE A 240 24.46 0.30 24.79
C PHE A 240 23.55 0.46 23.58
N LEU A 241 22.98 -0.67 23.11
CA LEU A 241 22.05 -0.65 21.99
C LEU A 241 20.77 0.07 22.39
N GLN A 242 20.32 -0.14 23.63
CA GLN A 242 19.09 0.44 24.13
C GLN A 242 19.33 1.91 24.46
N CYS A 243 20.59 2.26 24.78
CA CYS A 243 21.00 3.63 25.05
C CYS A 243 20.85 4.50 23.80
N VAL A 244 21.43 4.04 22.67
CA VAL A 244 21.44 4.80 21.43
C VAL A 244 20.02 4.91 20.87
N LYS A 245 19.15 3.95 21.23
CA LYS A 245 17.74 4.01 20.88
C LYS A 245 17.11 5.19 21.61
N ASN A 246 17.25 5.20 22.94
CA ASN A 246 16.86 6.33 23.77
C ASN A 246 17.47 6.17 25.17
N GLN B 1 -4.55 -1.78 -21.33
CA GLN B 1 -4.38 -3.18 -21.81
C GLN B 1 -4.33 -4.13 -20.62
N VAL B 2 -3.54 -3.76 -19.60
CA VAL B 2 -3.38 -4.57 -18.40
C VAL B 2 -4.64 -4.45 -17.54
N GLN B 3 -5.02 -5.58 -16.93
CA GLN B 3 -6.21 -5.66 -16.09
C GLN B 3 -5.95 -6.61 -14.92
N LEU B 4 -6.18 -6.12 -13.70
CA LEU B 4 -6.06 -6.94 -12.50
C LEU B 4 -7.46 -7.29 -11.99
N VAL B 5 -7.71 -8.59 -11.79
CA VAL B 5 -8.99 -9.08 -11.33
C VAL B 5 -8.79 -9.85 -10.03
N GLN B 6 -9.32 -9.30 -8.93
CA GLN B 6 -9.14 -9.88 -7.61
C GLN B 6 -10.28 -10.85 -7.30
N SER B 7 -10.11 -11.62 -6.21
CA SER B 7 -11.14 -12.54 -5.74
C SER B 7 -12.24 -11.76 -5.03
N GLY B 8 -13.36 -12.44 -4.75
CA GLY B 8 -14.53 -11.80 -4.18
C GLY B 8 -14.38 -11.53 -2.68
N ALA B 9 -15.30 -10.71 -2.16
CA ALA B 9 -15.34 -10.37 -0.74
C ALA B 9 -15.80 -11.60 0.06
N GLU B 10 -15.41 -11.65 1.34
CA GLU B 10 -15.75 -12.76 2.20
C GLU B 10 -15.58 -12.37 3.67
N VAL B 11 -16.22 -13.14 4.55
CA VAL B 11 -16.13 -12.96 5.99
C VAL B 11 -15.08 -13.91 6.54
N LYS B 12 -14.41 -13.49 7.63
CA LYS B 12 -13.41 -14.30 8.28
C LYS B 12 -13.51 -14.13 9.80
N LYS B 13 -13.17 -15.20 10.52
CA LYS B 13 -13.25 -15.20 11.98
C LYS B 13 -12.02 -14.50 12.52
N PRO B 14 -12.08 -13.88 13.72
CA PRO B 14 -10.89 -13.30 14.35
C PRO B 14 -9.83 -14.38 14.63
N GLY B 15 -8.62 -14.16 14.11
CA GLY B 15 -7.50 -15.08 14.34
C GLY B 15 -7.23 -15.99 13.14
N SER B 16 -8.20 -16.10 12.23
CA SER B 16 -8.06 -16.92 11.04
C SER B 16 -7.21 -16.19 10.01
N SER B 17 -7.00 -16.82 8.85
CA SER B 17 -6.18 -16.25 7.78
C SER B 17 -7.01 -16.12 6.50
N VAL B 18 -6.65 -15.15 5.66
CA VAL B 18 -7.32 -14.90 4.40
C VAL B 18 -6.29 -14.90 3.28
N LYS B 19 -6.72 -15.27 2.06
CA LYS B 19 -5.86 -15.31 0.90
C LYS B 19 -6.59 -14.71 -0.29
N VAL B 20 -6.16 -13.52 -0.72
CA VAL B 20 -6.80 -12.78 -1.79
C VAL B 20 -5.94 -12.90 -3.05
N SER B 21 -6.58 -13.31 -4.17
CA SER B 21 -5.89 -13.49 -5.43
C SER B 21 -5.96 -12.20 -6.26
N CYS B 22 -5.21 -12.20 -7.38
CA CYS B 22 -5.13 -11.04 -8.25
C CYS B 22 -4.57 -11.48 -9.61
N LYS B 23 -5.49 -11.82 -10.53
CA LYS B 23 -5.11 -12.35 -11.83
C LYS B 23 -4.82 -11.19 -12.79
N ALA B 24 -3.54 -10.99 -13.10
CA ALA B 24 -3.13 -10.02 -14.10
C ALA B 24 -3.35 -10.61 -15.49
N SER B 25 -3.47 -9.72 -16.50
CA SER B 25 -3.71 -10.13 -17.86
C SER B 25 -3.28 -9.02 -18.83
N GLY B 26 -2.62 -9.42 -19.92
CA GLY B 26 -2.16 -8.47 -20.94
C GLY B 26 -0.93 -7.70 -20.49
N LEU B 27 -0.05 -8.37 -19.73
CA LEU B 27 1.18 -7.76 -19.25
C LEU B 27 2.21 -7.74 -20.37
N PRO B 28 2.83 -6.57 -20.69
CA PRO B 28 3.82 -6.49 -21.75
C PRO B 28 5.05 -7.36 -21.57
N ASP B 29 5.61 -7.38 -20.35
CA ASP B 29 6.89 -8.02 -20.08
C ASP B 29 6.75 -9.02 -18.95
N ALA B 30 7.76 -9.88 -18.80
CA ALA B 30 7.77 -10.94 -17.79
C ALA B 30 8.18 -10.37 -16.43
N THR B 31 8.99 -9.31 -16.43
CA THR B 31 9.39 -8.63 -15.20
C THR B 31 8.41 -7.50 -14.91
N TYR B 32 7.52 -7.74 -13.94
CA TYR B 32 6.55 -6.75 -13.49
C TYR B 32 6.51 -6.76 -11.96
N ALA B 33 5.81 -5.79 -11.37
CA ALA B 33 5.69 -5.67 -9.93
C ALA B 33 4.22 -5.51 -9.56
N ILE B 34 3.78 -6.29 -8.56
CA ILE B 34 2.40 -6.24 -8.08
C ILE B 34 2.42 -5.74 -6.63
N GLY B 35 2.04 -4.47 -6.44
CA GLY B 35 1.91 -3.89 -5.11
C GLY B 35 0.60 -4.31 -4.44
N TRP B 36 0.54 -4.11 -3.12
CA TRP B 36 -0.66 -4.39 -2.34
C TRP B 36 -0.94 -3.24 -1.39
N VAL B 37 -2.17 -2.71 -1.46
CA VAL B 37 -2.62 -1.63 -0.60
C VAL B 37 -3.98 -2.03 -0.03
N ARG B 38 -4.22 -1.72 1.25
CA ARG B 38 -5.53 -1.89 1.83
C ARG B 38 -6.07 -0.52 2.23
N GLN B 39 -7.40 -0.40 2.23
CA GLN B 39 -8.08 0.84 2.61
C GLN B 39 -9.08 0.53 3.71
N ALA B 40 -8.84 1.09 4.90
CA ALA B 40 -9.75 0.96 6.02
C ALA B 40 -10.22 2.36 6.45
N PRO B 41 -11.49 2.53 6.86
CA PRO B 41 -11.94 3.78 7.49
C PRO B 41 -11.22 4.02 8.81
N GLY B 42 -10.61 5.21 8.95
CA GLY B 42 -9.88 5.58 10.15
C GLY B 42 -8.37 5.58 9.91
N GLN B 43 -7.84 4.43 9.50
CA GLN B 43 -6.44 4.28 9.14
C GLN B 43 -6.21 4.91 7.77
N GLY B 44 -7.02 4.50 6.79
CA GLY B 44 -6.91 4.97 5.42
C GLY B 44 -6.08 4.02 4.56
N LEU B 45 -5.45 4.58 3.52
CA LEU B 45 -4.63 3.80 2.61
C LEU B 45 -3.31 3.44 3.30
N GLU B 46 -3.08 2.13 3.47
CA GLU B 46 -1.85 1.61 4.07
C GLU B 46 -1.11 0.75 3.06
N TRP B 47 0.18 1.05 2.87
CA TRP B 47 1.06 0.23 2.05
C TRP B 47 1.36 -1.07 2.79
N MET B 48 1.34 -2.19 2.04
CA MET B 48 1.52 -3.51 2.62
C MET B 48 2.83 -4.11 2.14
N GLY B 49 3.01 -4.21 0.82
CA GLY B 49 4.23 -4.75 0.24
C GLY B 49 4.10 -5.01 -1.27
N ARG B 50 5.18 -5.56 -1.85
CA ARG B 50 5.26 -5.81 -3.28
C ARG B 50 5.67 -7.26 -3.55
N ILE B 51 5.69 -7.62 -4.83
CA ILE B 51 6.28 -8.87 -5.28
C ILE B 51 6.78 -8.69 -6.72
N ILE B 52 7.90 -9.35 -7.04
CA ILE B 52 8.41 -9.44 -8.40
C ILE B 52 8.41 -10.90 -8.80
N PRO B 53 7.30 -11.42 -9.38
CA PRO B 53 7.14 -12.87 -9.59
C PRO B 53 8.31 -13.63 -10.19
N ARG B 54 9.04 -13.00 -11.14
CA ARG B 54 10.18 -13.64 -11.77
C ARG B 54 11.29 -13.84 -10.75
N LEU B 55 11.67 -12.76 -10.06
CA LEU B 55 12.73 -12.79 -9.06
C LEU B 55 12.27 -13.55 -7.81
N ASP B 56 10.96 -13.63 -7.60
CA ASP B 56 10.38 -14.19 -6.38
C ASP B 56 10.85 -13.33 -5.20
N ALA B 57 10.82 -12.01 -5.40
CA ALA B 57 11.31 -11.06 -4.41
C ALA B 57 10.12 -10.35 -3.77
N GLU B 58 10.08 -10.34 -2.43
CA GLU B 58 9.04 -9.67 -1.68
C GLU B 58 9.67 -8.63 -0.76
N HIS B 59 8.94 -7.53 -0.53
CA HIS B 59 9.36 -6.50 0.40
C HIS B 59 8.12 -5.98 1.11
N TYR B 60 8.09 -6.12 2.45
CA TYR B 60 6.91 -5.83 3.23
C TYR B 60 7.13 -4.58 4.08
N ALA B 61 6.02 -3.95 4.50
CA ALA B 61 6.06 -2.87 5.48
C ALA B 61 6.17 -3.48 6.87
N GLN B 62 6.87 -2.78 7.77
CA GLN B 62 7.19 -3.30 9.09
C GLN B 62 5.91 -3.60 9.86
N LYS B 63 4.86 -2.79 9.64
CA LYS B 63 3.62 -2.89 10.38
C LYS B 63 2.97 -4.26 10.17
N PHE B 64 2.99 -4.74 8.92
CA PHE B 64 2.29 -5.97 8.56
C PHE B 64 3.22 -7.18 8.58
N GLN B 65 4.53 -6.92 8.49
CA GLN B 65 5.52 -7.98 8.32
C GLN B 65 5.38 -8.99 9.46
N GLY B 66 5.41 -10.28 9.10
CA GLY B 66 5.14 -11.36 10.04
C GLY B 66 3.80 -12.03 9.75
N ARG B 67 2.79 -11.20 9.43
CA ARG B 67 1.46 -11.68 9.14
C ARG B 67 1.25 -11.79 7.63
N VAL B 68 1.84 -10.85 6.87
CA VAL B 68 1.66 -10.79 5.43
C VAL B 68 2.71 -11.65 4.74
N THR B 69 2.27 -12.47 3.78
CA THR B 69 3.15 -13.17 2.86
C THR B 69 2.53 -13.10 1.47
N ILE B 70 3.26 -12.46 0.53
CA ILE B 70 2.81 -12.34 -0.85
C ILE B 70 3.51 -13.41 -1.67
N THR B 71 2.71 -14.26 -2.34
CA THR B 71 3.21 -15.26 -3.26
C THR B 71 2.67 -14.95 -4.66
N ALA B 72 3.12 -15.72 -5.66
CA ALA B 72 2.68 -15.50 -7.03
C ALA B 72 2.89 -16.76 -7.87
N ASP B 73 1.92 -17.02 -8.75
CA ASP B 73 2.04 -18.04 -9.78
C ASP B 73 2.37 -17.36 -11.10
N GLU B 74 3.58 -17.60 -11.61
CA GLU B 74 4.14 -16.81 -12.69
C GLU B 74 3.49 -17.20 -14.02
N SER B 75 3.06 -18.46 -14.13
CA SER B 75 2.46 -18.96 -15.36
C SER B 75 1.08 -18.35 -15.58
N THR B 76 0.23 -18.38 -14.54
CA THR B 76 -1.13 -17.87 -14.62
C THR B 76 -1.17 -16.35 -14.45
N SER B 77 -0.03 -15.74 -14.11
CA SER B 77 0.08 -14.30 -13.91
C SER B 77 -0.84 -13.85 -12.78
N THR B 78 -0.83 -14.63 -11.68
CA THR B 78 -1.72 -14.39 -10.55
C THR B 78 -0.87 -14.21 -9.29
N ALA B 79 -1.02 -13.03 -8.65
CA ALA B 79 -0.40 -12.76 -7.37
C ALA B 79 -1.38 -13.08 -6.26
N TYR B 80 -0.85 -13.57 -5.13
CA TYR B 80 -1.64 -13.89 -3.95
C TYR B 80 -1.07 -13.15 -2.74
N MET B 81 -1.94 -12.75 -1.82
CA MET B 81 -1.51 -12.20 -0.54
C MET B 81 -2.27 -12.90 0.58
N GLU B 82 -1.54 -13.45 1.55
CA GLU B 82 -2.13 -14.12 2.69
C GLU B 82 -1.87 -13.27 3.94
N LEU B 83 -2.95 -12.92 4.65
CA LEU B 83 -2.87 -12.19 5.91
C LEU B 83 -3.47 -13.04 7.03
N SER B 84 -2.66 -13.32 8.05
CA SER B 84 -3.06 -14.20 9.15
C SER B 84 -3.19 -13.40 10.44
N SER B 85 -3.75 -14.05 11.48
CA SER B 85 -4.01 -13.42 12.76
C SER B 85 -4.87 -12.18 12.56
N LEU B 86 -6.04 -12.38 11.95
CA LEU B 86 -6.92 -11.29 11.57
C LEU B 86 -7.60 -10.70 12.81
N ARG B 87 -7.56 -9.36 12.91
CA ARG B 87 -8.25 -8.63 13.96
C ARG B 87 -9.37 -7.81 13.34
N SER B 88 -10.14 -7.11 14.18
CA SER B 88 -11.25 -6.28 13.74
C SER B 88 -10.74 -5.09 12.92
N GLU B 89 -9.50 -4.66 13.17
CA GLU B 89 -8.90 -3.52 12.48
C GLU B 89 -8.46 -3.90 11.07
N ASP B 90 -8.44 -5.21 10.77
CA ASP B 90 -8.06 -5.70 9.45
C ASP B 90 -9.27 -5.77 8.52
N THR B 91 -10.45 -5.39 9.03
CA THR B 91 -11.62 -5.20 8.19
C THR B 91 -11.37 -4.00 7.26
N ALA B 92 -11.19 -4.27 5.97
CA ALA B 92 -10.79 -3.25 5.02
C ALA B 92 -10.95 -3.76 3.59
N VAL B 93 -10.79 -2.85 2.61
CA VAL B 93 -10.81 -3.19 1.21
C VAL B 93 -9.36 -3.36 0.75
N TYR B 94 -9.00 -4.58 0.34
CA TYR B 94 -7.63 -4.89 -0.03
C TYR B 94 -7.48 -4.80 -1.55
N TYR B 95 -6.59 -3.90 -1.99
CA TYR B 95 -6.32 -3.66 -3.40
C TYR B 95 -4.98 -4.27 -3.80
N CYS B 96 -4.85 -4.57 -5.10
CA CYS B 96 -3.55 -4.79 -5.73
C CYS B 96 -3.41 -3.81 -6.88
N ALA B 97 -2.18 -3.62 -7.36
CA ALA B 97 -1.93 -2.67 -8.43
C ALA B 97 -0.57 -2.96 -9.08
N ARG B 98 -0.44 -2.55 -10.36
CA ARG B 98 0.81 -2.69 -11.07
C ARG B 98 1.77 -1.58 -10.64
N GLY B 99 2.95 -1.99 -10.17
CA GLY B 99 3.98 -1.05 -9.76
C GLY B 99 4.63 -0.35 -10.96
N LEU B 100 4.80 0.97 -10.86
CA LEU B 100 5.43 1.75 -11.91
C LEU B 100 6.75 2.32 -11.41
N GLY B 101 7.51 2.88 -12.35
CA GLY B 101 8.81 3.47 -12.09
C GLY B 101 9.64 3.49 -13.38
N TYR B 102 10.91 3.90 -13.27
CA TYR B 102 11.77 3.99 -14.44
C TYR B 102 12.12 2.60 -14.95
N TYR B 103 12.19 1.62 -14.04
CA TYR B 103 12.46 0.23 -14.40
C TYR B 103 11.19 -0.59 -14.28
N LEU B 104 11.23 -1.82 -14.81
CA LEU B 104 10.08 -2.69 -14.88
C LEU B 104 9.89 -3.45 -13.56
N TYR B 105 10.91 -3.42 -12.70
CA TYR B 105 10.85 -4.05 -11.39
C TYR B 105 10.40 -3.04 -10.33
N SER B 106 10.22 -1.78 -10.73
CA SER B 106 9.89 -0.70 -9.81
C SER B 106 8.43 -0.79 -9.39
N SER B 107 8.16 -0.45 -8.13
CA SER B 107 6.79 -0.35 -7.61
C SER B 107 6.71 0.80 -6.61
N TYR B 108 6.71 2.03 -7.13
CA TYR B 108 6.65 3.24 -6.31
C TYR B 108 5.24 3.82 -6.36
N TYR B 109 4.72 4.00 -7.58
CA TYR B 109 3.37 4.47 -7.81
C TYR B 109 2.64 3.44 -8.68
N PHE B 110 1.31 3.57 -8.78
CA PHE B 110 0.47 2.55 -9.39
C PHE B 110 -0.61 3.19 -10.24
N ASP B 111 -0.78 2.67 -11.47
CA ASP B 111 -1.70 3.26 -12.44
C ASP B 111 -2.92 2.36 -12.61
N ILE B 112 -2.71 1.05 -12.80
CA ILE B 112 -3.79 0.09 -12.95
C ILE B 112 -3.97 -0.65 -11.63
N TRP B 113 -5.18 -0.56 -11.07
CA TRP B 113 -5.53 -1.19 -9.81
C TRP B 113 -6.48 -2.35 -10.04
N GLY B 114 -6.64 -3.19 -9.02
CA GLY B 114 -7.67 -4.21 -9.01
C GLY B 114 -9.02 -3.63 -8.55
N GLN B 115 -10.06 -4.46 -8.61
CA GLN B 115 -11.41 -4.07 -8.25
C GLN B 115 -11.52 -3.83 -6.75
N GLY B 116 -10.67 -4.53 -5.97
CA GLY B 116 -10.70 -4.45 -4.52
C GLY B 116 -11.50 -5.60 -3.91
N THR B 117 -11.10 -6.01 -2.70
CA THR B 117 -11.74 -7.11 -2.01
C THR B 117 -12.00 -6.70 -0.56
N LEU B 118 -13.29 -6.59 -0.19
CA LEU B 118 -13.66 -6.21 1.16
C LEU B 118 -13.65 -7.45 2.06
N VAL B 119 -12.57 -7.59 2.84
CA VAL B 119 -12.47 -8.65 3.84
C VAL B 119 -13.04 -8.12 5.14
N THR B 120 -14.01 -8.86 5.70
CA THR B 120 -14.64 -8.51 6.96
C THR B 120 -14.22 -9.53 8.01
N VAL B 121 -13.65 -9.04 9.13
CA VAL B 121 -13.23 -9.89 10.22
C VAL B 121 -14.31 -9.82 11.31
N SER B 122 -15.11 -10.89 11.41
CA SER B 122 -16.22 -10.95 12.35
C SER B 122 -16.51 -12.40 12.72
N SER B 123 -16.89 -12.61 13.99
CA SER B 123 -17.24 -13.93 14.49
C SER B 123 -18.67 -14.29 14.09
N ALA B 124 -19.47 -13.26 13.75
CA ALA B 124 -20.86 -13.47 13.35
C ALA B 124 -20.90 -14.21 12.01
N SER B 125 -21.90 -15.10 11.88
CA SER B 125 -22.03 -15.94 10.69
C SER B 125 -22.61 -15.12 9.54
N THR B 126 -22.27 -15.53 8.31
CA THR B 126 -22.72 -14.83 7.10
C THR B 126 -24.20 -15.10 6.88
N LYS B 127 -24.88 -14.13 6.26
CA LYS B 127 -26.31 -14.21 6.01
C LYS B 127 -26.62 -13.63 4.63
N GLY B 128 -27.30 -14.43 3.79
CA GLY B 128 -27.66 -14.02 2.44
C GLY B 128 -28.85 -13.06 2.45
N PRO B 129 -28.92 -12.10 1.49
CA PRO B 129 -30.00 -11.12 1.47
C PRO B 129 -31.34 -11.67 1.02
N SER B 130 -32.42 -10.92 1.33
CA SER B 130 -33.75 -11.20 0.86
C SER B 130 -34.22 -10.03 -0.01
N VAL B 131 -34.36 -10.27 -1.32
CA VAL B 131 -34.62 -9.23 -2.29
C VAL B 131 -36.14 -9.05 -2.42
N PHE B 132 -36.58 -7.78 -2.37
CA PHE B 132 -37.99 -7.44 -2.48
C PHE B 132 -38.17 -6.34 -3.52
N PRO B 133 -39.18 -6.44 -4.42
CA PRO B 133 -39.39 -5.43 -5.47
C PRO B 133 -40.08 -4.18 -4.96
N LEU B 134 -39.49 -3.02 -5.29
CA LEU B 134 -40.16 -1.73 -5.12
C LEU B 134 -40.91 -1.42 -6.41
N ALA B 135 -42.15 -1.90 -6.49
CA ALA B 135 -42.93 -1.85 -7.73
C ALA B 135 -43.40 -0.42 -7.99
N PRO B 136 -43.37 0.05 -9.26
CA PRO B 136 -43.87 1.38 -9.61
C PRO B 136 -45.39 1.40 -9.62
N SER B 137 -45.97 2.54 -9.21
CA SER B 137 -47.41 2.67 -9.06
C SER B 137 -47.83 4.12 -9.28
N SER B 138 -49.11 4.41 -8.99
CA SER B 138 -49.65 5.77 -8.99
C SER B 138 -48.80 6.69 -8.11
N LYS B 139 -48.26 6.15 -7.01
CA LYS B 139 -47.62 6.94 -5.97
C LYS B 139 -46.18 7.30 -6.37
N SER B 140 -45.56 6.48 -7.22
CA SER B 140 -44.17 6.69 -7.61
C SER B 140 -44.07 7.17 -9.05
N THR B 141 -44.83 8.22 -9.38
CA THR B 141 -44.73 8.88 -10.68
C THR B 141 -44.61 10.39 -10.46
N SER B 142 -43.60 11.00 -11.10
CA SER B 142 -43.31 12.42 -10.93
C SER B 142 -43.31 13.11 -12.30
N GLY B 143 -44.49 13.21 -12.90
CA GLY B 143 -44.68 13.98 -14.12
C GLY B 143 -44.07 13.31 -15.34
N GLY B 144 -44.57 12.10 -15.67
CA GLY B 144 -44.20 11.40 -16.88
C GLY B 144 -43.07 10.39 -16.67
N THR B 145 -42.45 10.43 -15.48
CA THR B 145 -41.36 9.51 -15.16
C THR B 145 -41.77 8.67 -13.95
N ALA B 146 -41.70 7.34 -14.11
CA ALA B 146 -41.97 6.42 -13.01
C ALA B 146 -40.66 6.07 -12.32
N ALA B 147 -40.77 5.72 -11.03
CA ALA B 147 -39.64 5.26 -10.25
C ALA B 147 -39.92 3.85 -9.73
N LEU B 148 -38.90 2.99 -9.81
CA LEU B 148 -38.98 1.63 -9.30
C LEU B 148 -37.60 1.24 -8.78
N GLY B 149 -37.54 0.12 -8.03
CA GLY B 149 -36.29 -0.30 -7.41
C GLY B 149 -36.39 -1.68 -6.77
N CYS B 150 -35.43 -1.96 -5.88
CA CYS B 150 -35.41 -3.20 -5.13
C CYS B 150 -34.89 -2.94 -3.71
N LEU B 151 -35.28 -3.84 -2.80
CA LEU B 151 -34.91 -3.75 -1.39
C LEU B 151 -34.23 -5.06 -0.98
N VAL B 152 -32.90 -5.02 -0.82
CA VAL B 152 -32.15 -6.15 -0.33
C VAL B 152 -31.96 -5.97 1.17
N LYS B 153 -32.44 -6.94 1.95
CA LYS B 153 -32.65 -6.75 3.38
C LYS B 153 -32.15 -8.00 4.12
N ASP B 154 -31.68 -7.78 5.36
CA ASP B 154 -31.21 -8.85 6.23
C ASP B 154 -30.06 -9.59 5.55
N TYR B 155 -28.90 -8.93 5.46
CA TYR B 155 -27.70 -9.55 4.92
C TYR B 155 -26.48 -9.15 5.73
N PHE B 156 -25.48 -10.04 5.76
CA PHE B 156 -24.24 -9.80 6.47
C PHE B 156 -23.16 -10.73 5.92
N PRO B 157 -21.90 -10.26 5.71
CA PRO B 157 -21.53 -8.85 5.84
C PRO B 157 -21.77 -8.08 4.53
N GLU B 158 -21.15 -6.91 4.43
CA GLU B 158 -21.06 -6.19 3.17
C GLU B 158 -19.97 -6.86 2.31
N PRO B 159 -19.92 -6.63 0.98
CA PRO B 159 -20.89 -5.80 0.27
C PRO B 159 -21.96 -6.59 -0.49
N VAL B 160 -22.99 -5.86 -0.92
CA VAL B 160 -23.99 -6.36 -1.87
C VAL B 160 -23.97 -5.44 -3.08
N THR B 161 -23.71 -6.02 -4.26
CA THR B 161 -23.71 -5.28 -5.51
C THR B 161 -25.05 -5.49 -6.22
N VAL B 162 -25.53 -4.41 -6.88
CA VAL B 162 -26.79 -4.44 -7.59
C VAL B 162 -26.57 -3.84 -8.98
N SER B 163 -26.99 -4.57 -10.02
CA SER B 163 -27.04 -4.05 -11.37
C SER B 163 -28.44 -4.25 -11.93
N TRP B 164 -28.72 -3.62 -13.08
CA TRP B 164 -30.05 -3.63 -13.67
C TRP B 164 -29.98 -4.13 -15.12
N ASN B 165 -30.85 -5.09 -15.44
CA ASN B 165 -30.96 -5.65 -16.78
C ASN B 165 -29.59 -6.17 -17.23
N SER B 166 -28.89 -6.80 -16.29
CA SER B 166 -27.55 -7.35 -16.51
C SER B 166 -26.60 -6.27 -17.01
N GLY B 167 -26.65 -5.09 -16.41
CA GLY B 167 -25.73 -4.00 -16.71
C GLY B 167 -26.13 -3.17 -17.93
N ALA B 168 -27.31 -3.47 -18.51
CA ALA B 168 -27.78 -2.79 -19.69
C ALA B 168 -28.42 -1.45 -19.31
N LEU B 169 -28.96 -1.38 -18.09
CA LEU B 169 -29.55 -0.15 -17.57
C LEU B 169 -28.66 0.41 -16.47
N THR B 170 -28.17 1.64 -16.68
CA THR B 170 -27.33 2.34 -15.72
C THR B 170 -27.85 3.75 -15.47
N SER B 171 -28.41 4.40 -16.51
CA SER B 171 -28.92 5.75 -16.39
C SER B 171 -30.12 5.80 -15.45
N GLY B 172 -30.08 6.73 -14.49
CA GLY B 172 -31.17 6.96 -13.55
C GLY B 172 -31.03 6.17 -12.25
N VAL B 173 -30.03 5.28 -12.18
CA VAL B 173 -29.89 4.36 -11.08
C VAL B 173 -29.25 5.08 -9.90
N HIS B 174 -29.78 4.82 -8.69
CA HIS B 174 -29.19 5.26 -7.44
C HIS B 174 -29.18 4.10 -6.46
N THR B 175 -27.97 3.61 -6.12
CA THR B 175 -27.80 2.57 -5.12
C THR B 175 -27.32 3.23 -3.83
N PHE B 176 -28.14 3.12 -2.78
CA PHE B 176 -27.91 3.83 -1.53
C PHE B 176 -26.92 3.05 -0.66
N PRO B 177 -26.07 3.74 0.13
CA PRO B 177 -25.28 3.08 1.17
C PRO B 177 -26.17 2.28 2.12
N ALA B 178 -25.67 1.12 2.56
CA ALA B 178 -26.42 0.25 3.45
C ALA B 178 -26.53 0.88 4.83
N VAL B 179 -27.63 0.56 5.53
CA VAL B 179 -27.82 0.96 6.92
C VAL B 179 -27.59 -0.27 7.79
N LEU B 180 -27.09 -0.02 9.01
CA LEU B 180 -26.93 -1.07 10.01
C LEU B 180 -28.23 -1.16 10.82
N GLN B 181 -28.96 -2.26 10.64
CA GLN B 181 -30.20 -2.49 11.37
C GLN B 181 -29.86 -2.83 12.82
N SER B 182 -30.90 -2.84 13.67
CA SER B 182 -30.73 -3.13 15.08
C SER B 182 -30.24 -4.57 15.28
N SER B 183 -30.57 -5.45 14.34
CA SER B 183 -30.21 -6.87 14.42
C SER B 183 -28.75 -7.10 14.06
N GLY B 184 -28.08 -6.07 13.51
CA GLY B 184 -26.70 -6.19 13.08
C GLY B 184 -26.59 -6.54 11.59
N LEU B 185 -27.74 -6.87 10.98
CA LEU B 185 -27.81 -7.13 9.56
C LEU B 185 -27.95 -5.82 8.81
N TYR B 186 -27.56 -5.82 7.54
CA TYR B 186 -27.57 -4.62 6.71
C TYR B 186 -28.78 -4.63 5.79
N SER B 187 -29.17 -3.43 5.33
CA SER B 187 -30.30 -3.26 4.41
C SER B 187 -29.95 -2.17 3.40
N LEU B 188 -30.27 -2.43 2.13
CA LEU B 188 -29.85 -1.57 1.04
C LEU B 188 -31.02 -1.38 0.06
N SER B 189 -31.07 -0.19 -0.55
CA SER B 189 -32.04 0.10 -1.59
C SER B 189 -31.31 0.48 -2.88
N SER B 190 -31.92 0.11 -4.02
CA SER B 190 -31.45 0.52 -5.34
C SER B 190 -32.66 0.86 -6.20
N VAL B 191 -32.74 2.12 -6.65
CA VAL B 191 -33.89 2.61 -7.39
C VAL B 191 -33.41 3.16 -8.72
N VAL B 192 -34.36 3.26 -9.67
CA VAL B 192 -34.09 3.81 -10.99
C VAL B 192 -35.35 4.53 -11.47
N THR B 193 -35.16 5.66 -12.16
CA THR B 193 -36.26 6.38 -12.80
C THR B 193 -36.27 6.03 -14.28
N VAL B 194 -37.47 5.67 -14.77
CA VAL B 194 -37.67 5.28 -16.17
C VAL B 194 -38.91 6.01 -16.68
N PRO B 195 -39.13 6.08 -18.01
CA PRO B 195 -40.36 6.67 -18.56
C PRO B 195 -41.62 5.94 -18.07
N SER B 196 -42.64 6.72 -17.75
CA SER B 196 -43.90 6.20 -17.24
C SER B 196 -44.67 5.48 -18.35
N SER B 197 -44.48 5.95 -19.59
CA SER B 197 -45.21 5.43 -20.74
C SER B 197 -44.76 4.01 -21.08
N SER B 198 -43.48 3.69 -20.85
CA SER B 198 -42.88 2.46 -21.34
C SER B 198 -42.81 1.40 -20.24
N LEU B 199 -43.74 1.43 -19.29
CA LEU B 199 -43.78 0.45 -18.22
C LEU B 199 -44.35 -0.87 -18.73
N GLY B 200 -45.19 -0.79 -19.78
CA GLY B 200 -45.86 -1.96 -20.32
C GLY B 200 -44.94 -2.79 -21.23
N THR B 201 -44.05 -2.12 -21.96
CA THR B 201 -43.24 -2.75 -22.99
C THR B 201 -41.90 -3.24 -22.43
N GLN B 202 -41.30 -2.44 -21.53
CA GLN B 202 -39.95 -2.69 -21.04
C GLN B 202 -40.00 -3.64 -19.84
N THR B 203 -38.93 -4.43 -19.70
CA THR B 203 -38.73 -5.30 -18.54
C THR B 203 -37.57 -4.77 -17.70
N TYR B 204 -37.71 -4.91 -16.37
CA TYR B 204 -36.73 -4.37 -15.43
C TYR B 204 -36.39 -5.43 -14.39
N ILE B 205 -35.18 -6.01 -14.47
CA ILE B 205 -34.70 -6.99 -13.53
C ILE B 205 -33.50 -6.40 -12.79
N CYS B 206 -33.55 -6.46 -11.45
CA CYS B 206 -32.41 -6.11 -10.62
C CYS B 206 -31.59 -7.37 -10.34
N ASN B 207 -30.26 -7.24 -10.42
CA ASN B 207 -29.35 -8.35 -10.22
C ASN B 207 -28.57 -8.13 -8.92
N VAL B 208 -28.98 -8.86 -7.87
CA VAL B 208 -28.34 -8.78 -6.57
C VAL B 208 -27.25 -9.84 -6.50
N ASN B 209 -26.13 -9.50 -5.88
CA ASN B 209 -25.00 -10.41 -5.76
C ASN B 209 -24.35 -10.20 -4.39
N HIS B 210 -24.28 -11.28 -3.61
CA HIS B 210 -23.66 -11.27 -2.30
C HIS B 210 -22.63 -12.40 -2.25
N LYS B 211 -21.37 -12.05 -2.54
CA LYS B 211 -20.30 -13.02 -2.71
C LYS B 211 -19.96 -13.71 -1.39
N PRO B 212 -20.00 -13.01 -0.23
CA PRO B 212 -19.79 -13.67 1.07
C PRO B 212 -20.68 -14.89 1.34
N SER B 213 -21.90 -14.91 0.76
CA SER B 213 -22.82 -16.01 0.95
C SER B 213 -23.07 -16.76 -0.36
N ASN B 214 -22.37 -16.37 -1.43
CA ASN B 214 -22.58 -16.93 -2.76
C ASN B 214 -24.06 -16.83 -3.14
N THR B 215 -24.67 -15.68 -2.87
CA THR B 215 -26.10 -15.48 -3.13
C THR B 215 -26.28 -14.51 -4.28
N LYS B 216 -26.66 -15.05 -5.45
CA LYS B 216 -27.06 -14.24 -6.58
C LYS B 216 -28.58 -14.37 -6.75
N VAL B 217 -29.25 -13.22 -6.89
CA VAL B 217 -30.70 -13.18 -7.03
C VAL B 217 -31.08 -12.18 -8.11
N ASP B 218 -32.00 -12.59 -8.99
CA ASP B 218 -32.57 -11.72 -10.00
C ASP B 218 -34.07 -11.58 -9.73
N LYS B 219 -34.56 -10.33 -9.68
CA LYS B 219 -35.94 -10.06 -9.34
C LYS B 219 -36.51 -9.06 -10.34
N LYS B 220 -37.55 -9.50 -11.10
CA LYS B 220 -38.24 -8.64 -12.03
C LYS B 220 -39.23 -7.77 -11.26
N VAL B 221 -39.14 -6.45 -11.49
CA VAL B 221 -39.96 -5.48 -10.80
C VAL B 221 -41.16 -5.12 -11.67
N GLU B 222 -42.28 -5.81 -11.46
CA GLU B 222 -43.49 -5.61 -12.24
C GLU B 222 -44.29 -4.44 -11.66
N PRO B 223 -44.98 -3.64 -12.50
CA PRO B 223 -45.75 -2.49 -12.03
C PRO B 223 -47.04 -2.85 -11.30
N LYS B 224 -47.56 -1.90 -10.52
CA LYS B 224 -48.80 -2.06 -9.79
C LYS B 224 -49.64 -0.77 -9.91
N GLU C 1 8.06 5.95 9.76
CA GLU C 1 7.56 6.28 8.39
C GLU C 1 7.13 7.74 8.36
N ILE C 2 7.03 8.29 7.14
CA ILE C 2 6.75 9.70 6.93
C ILE C 2 5.23 9.90 6.94
N VAL C 3 4.78 10.98 7.61
CA VAL C 3 3.36 11.25 7.79
C VAL C 3 2.93 12.30 6.78
N MET C 4 2.12 11.87 5.79
CA MET C 4 1.55 12.78 4.81
C MET C 4 0.34 13.46 5.44
N THR C 5 0.33 14.80 5.40
CA THR C 5 -0.75 15.59 5.95
C THR C 5 -1.30 16.52 4.88
N GLN C 6 -2.53 16.24 4.42
CA GLN C 6 -3.19 17.03 3.39
C GLN C 6 -4.10 18.06 4.04
N SER C 7 -4.45 19.10 3.26
CA SER C 7 -5.34 20.15 3.72
C SER C 7 -5.93 20.91 2.52
N PRO C 8 -7.18 21.42 2.61
CA PRO C 8 -8.06 21.20 3.77
C PRO C 8 -8.66 19.81 3.79
N ALA C 9 -9.43 19.51 4.84
CA ALA C 9 -10.08 18.22 5.00
C ALA C 9 -11.10 18.02 3.87
N THR C 10 -12.02 18.98 3.74
CA THR C 10 -12.98 19.02 2.65
C THR C 10 -12.85 20.35 1.92
N LEU C 11 -13.34 20.39 0.67
CA LEU C 11 -13.22 21.57 -0.17
C LEU C 11 -14.48 21.67 -1.03
N SER C 12 -15.11 22.85 -1.05
CA SER C 12 -16.37 23.06 -1.73
C SER C 12 -16.23 24.18 -2.76
N VAL C 13 -16.31 23.81 -4.05
CA VAL C 13 -16.08 24.74 -5.15
C VAL C 13 -17.12 24.51 -6.24
N SER C 14 -17.36 25.55 -7.04
CA SER C 14 -18.28 25.48 -8.17
C SER C 14 -17.52 25.08 -9.43
N PRO C 15 -18.17 24.42 -10.42
CA PRO C 15 -17.52 24.11 -11.69
C PRO C 15 -17.01 25.36 -12.40
N GLY C 16 -15.71 25.36 -12.74
CA GLY C 16 -15.07 26.49 -13.40
C GLY C 16 -14.03 27.17 -12.51
N GLU C 17 -14.10 26.92 -11.20
CA GLU C 17 -13.17 27.49 -10.24
C GLU C 17 -11.95 26.58 -10.11
N ARG C 18 -10.89 27.09 -9.46
CA ARG C 18 -9.62 26.39 -9.33
C ARG C 18 -9.48 25.82 -7.92
N ALA C 19 -9.57 24.49 -7.81
CA ALA C 19 -9.38 23.80 -6.54
C ALA C 19 -7.88 23.63 -6.29
N THR C 20 -7.44 23.99 -5.07
CA THR C 20 -6.03 23.94 -4.70
C THR C 20 -5.86 23.04 -3.48
N LEU C 21 -5.38 21.81 -3.71
CA LEU C 21 -5.17 20.84 -2.66
C LEU C 21 -3.72 20.88 -2.20
N SER C 22 -3.50 20.81 -0.88
CA SER C 22 -2.17 20.88 -0.30
C SER C 22 -1.77 19.51 0.24
N CYS C 23 -0.45 19.30 0.36
CA CYS C 23 0.12 18.08 0.88
C CYS C 23 1.44 18.38 1.58
N ARG C 24 1.53 18.02 2.87
CA ARG C 24 2.72 18.27 3.67
C ARG C 24 3.34 16.94 4.10
N ALA C 25 4.63 16.78 3.84
CA ALA C 25 5.39 15.64 4.31
C ALA C 25 6.12 16.00 5.60
N SER C 26 6.11 15.10 6.58
CA SER C 26 6.76 15.32 7.86
C SER C 26 8.26 15.54 7.66
N GLN C 27 8.83 14.79 6.71
CA GLN C 27 10.23 14.93 6.32
C GLN C 27 10.29 15.06 4.79
N SER C 28 11.41 15.60 4.29
CA SER C 28 11.59 15.82 2.86
C SER C 28 11.49 14.49 2.12
N VAL C 29 10.76 14.52 0.99
CA VAL C 29 10.56 13.33 0.16
C VAL C 29 11.02 13.64 -1.26
N SER C 30 11.96 14.59 -1.40
CA SER C 30 12.46 15.01 -2.70
CA SER C 30 12.46 15.01 -2.70
C SER C 30 11.29 15.36 -3.61
N SER C 31 11.25 14.77 -4.82
CA SER C 31 10.13 14.93 -5.73
CA SER C 31 10.13 14.94 -5.73
C SER C 31 9.46 13.58 -5.97
N ASN C 32 9.63 12.66 -5.01
CA ASN C 32 9.03 11.33 -5.07
C ASN C 32 7.64 11.38 -4.43
N LEU C 33 6.69 11.98 -5.14
CA LEU C 33 5.36 12.25 -4.63
C LEU C 33 4.35 12.03 -5.75
N ALA C 34 3.33 11.20 -5.48
CA ALA C 34 2.29 10.89 -6.44
C ALA C 34 0.94 11.42 -5.94
N TRP C 35 0.04 11.73 -6.87
CA TRP C 35 -1.31 12.16 -6.58
C TRP C 35 -2.31 11.15 -7.12
N TYR C 36 -3.41 10.94 -6.39
CA TYR C 36 -4.44 9.98 -6.78
C TYR C 36 -5.81 10.64 -6.71
N GLN C 37 -6.77 10.02 -7.42
CA GLN C 37 -8.17 10.44 -7.39
C GLN C 37 -9.04 9.21 -7.18
N GLN C 38 -9.77 9.16 -6.05
CA GLN C 38 -10.67 8.05 -5.77
C GLN C 38 -12.11 8.55 -5.84
N LYS C 39 -12.83 8.10 -6.87
CA LYS C 39 -14.25 8.34 -7.01
C LYS C 39 -15.01 7.26 -6.23
N PRO C 40 -16.27 7.50 -5.82
CA PRO C 40 -17.03 6.54 -5.02
C PRO C 40 -17.09 5.14 -5.62
N GLY C 41 -16.77 4.13 -4.80
CA GLY C 41 -16.90 2.73 -5.17
C GLY C 41 -15.87 2.30 -6.22
N GLN C 42 -14.73 3.00 -6.28
CA GLN C 42 -13.72 2.73 -7.29
C GLN C 42 -12.34 2.68 -6.63
N ALA C 43 -11.37 2.14 -7.37
CA ALA C 43 -9.97 2.16 -6.96
C ALA C 43 -9.40 3.54 -7.25
N PRO C 44 -8.30 3.95 -6.57
CA PRO C 44 -7.61 5.21 -6.89
C PRO C 44 -7.14 5.30 -8.34
N ARG C 45 -7.13 6.53 -8.86
CA ARG C 45 -6.69 6.83 -10.22
C ARG C 45 -5.47 7.74 -10.14
N LEU C 46 -4.34 7.28 -10.71
CA LEU C 46 -3.09 8.02 -10.68
C LEU C 46 -3.21 9.26 -11.58
N LEU C 47 -3.08 10.43 -10.97
CA LEU C 47 -3.08 11.69 -11.69
C LEU C 47 -1.65 12.10 -12.01
N ILE C 48 -0.84 12.25 -10.94
CA ILE C 48 0.50 12.79 -11.06
C ILE C 48 1.49 11.79 -10.46
N TYR C 49 2.72 11.81 -10.99
CA TYR C 49 3.85 11.12 -10.36
C TYR C 49 5.10 11.97 -10.57
N GLY C 50 6.09 11.80 -9.70
CA GLY C 50 7.30 12.60 -9.74
C GLY C 50 7.03 14.08 -9.48
N ALA C 51 5.99 14.35 -8.68
CA ALA C 51 5.61 15.69 -8.24
C ALA C 51 4.75 16.40 -9.29
N SER C 52 5.24 16.49 -10.54
CA SER C 52 4.63 17.35 -11.55
C SER C 52 4.19 16.60 -12.81
N THR C 53 4.71 15.38 -13.04
CA THR C 53 4.50 14.69 -14.30
C THR C 53 3.16 13.96 -14.30
N ARG C 54 2.32 14.28 -15.29
CA ARG C 54 1.00 13.67 -15.43
C ARG C 54 1.14 12.26 -15.98
N ALA C 55 0.12 11.42 -15.70
CA ALA C 55 0.07 10.05 -16.18
C ALA C 55 -0.60 10.02 -17.56
N THR C 56 -0.70 8.81 -18.13
CA THR C 56 -1.28 8.62 -19.46
C THR C 56 -2.79 8.83 -19.41
N GLY C 57 -3.29 9.71 -20.29
CA GLY C 57 -4.72 9.95 -20.43
C GLY C 57 -5.30 10.73 -19.26
N ILE C 58 -4.47 11.59 -18.65
CA ILE C 58 -4.91 12.49 -17.59
C ILE C 58 -4.99 13.90 -18.17
N PRO C 59 -6.14 14.59 -18.07
CA PRO C 59 -6.28 15.95 -18.61
C PRO C 59 -5.21 16.93 -18.12
N ALA C 60 -5.00 18.00 -18.89
CA ALA C 60 -4.05 19.04 -18.54
C ALA C 60 -4.60 19.92 -17.42
N ARG C 61 -5.90 19.77 -17.13
CA ARG C 61 -6.56 20.43 -16.01
C ARG C 61 -5.80 20.16 -14.72
N PHE C 62 -5.55 18.88 -14.44
CA PHE C 62 -4.83 18.46 -13.24
C PHE C 62 -3.35 18.81 -13.37
N SER C 63 -2.82 19.51 -12.35
CA SER C 63 -1.47 20.05 -12.41
C SER C 63 -0.78 19.93 -11.05
N GLY C 64 0.25 19.07 -10.99
CA GLY C 64 1.03 18.87 -9.77
C GLY C 64 2.28 19.75 -9.74
N SER C 65 2.71 20.13 -8.53
CA SER C 65 3.88 20.97 -8.35
C SER C 65 4.38 20.89 -6.91
N GLY C 66 5.57 21.44 -6.67
CA GLY C 66 6.18 21.48 -5.35
C GLY C 66 7.19 20.36 -5.14
N SER C 67 8.01 20.50 -4.10
CA SER C 67 9.03 19.51 -3.77
C SER C 67 9.46 19.66 -2.31
N GLY C 68 10.01 18.58 -1.75
CA GLY C 68 10.47 18.57 -0.38
C GLY C 68 9.36 18.18 0.59
N THR C 69 8.79 19.17 1.29
CA THR C 69 7.77 18.95 2.29
C THR C 69 6.47 19.69 1.95
N GLU C 70 6.38 20.27 0.75
CA GLU C 70 5.22 21.06 0.36
C GLU C 70 4.90 20.80 -1.11
N PHE C 71 3.75 20.15 -1.36
CA PHE C 71 3.28 19.84 -2.69
C PHE C 71 1.88 20.39 -2.87
N THR C 72 1.42 20.45 -4.13
CA THR C 72 0.13 21.02 -4.46
C THR C 72 -0.46 20.32 -5.70
N LEU C 73 -1.78 20.13 -5.69
CA LEU C 73 -2.53 19.70 -6.85
C LEU C 73 -3.49 20.82 -7.24
N THR C 74 -3.50 21.17 -8.54
CA THR C 74 -4.32 22.27 -9.04
C THR C 74 -5.24 21.74 -10.14
N ILE C 75 -6.55 21.89 -9.93
CA ILE C 75 -7.55 21.48 -10.89
C ILE C 75 -8.15 22.76 -11.50
N SER C 76 -7.77 23.06 -12.75
CA SER C 76 -8.02 24.36 -13.35
C SER C 76 -9.51 24.59 -13.59
N SER C 77 -10.05 24.06 -14.70
CA SER C 77 -11.45 24.24 -15.04
C SER C 77 -12.28 23.10 -14.45
N LEU C 78 -12.53 23.19 -13.13
CA LEU C 78 -13.16 22.10 -12.38
C LEU C 78 -14.51 21.75 -13.00
N GLN C 79 -14.83 20.45 -12.96
CA GLN C 79 -16.10 19.94 -13.47
C GLN C 79 -16.81 19.17 -12.36
N SER C 80 -18.06 18.79 -12.62
CA SER C 80 -18.87 18.05 -11.66
C SER C 80 -18.33 16.62 -11.51
N GLU C 81 -17.68 16.11 -12.57
CA GLU C 81 -17.14 14.76 -12.57
C GLU C 81 -15.88 14.69 -11.71
N ASP C 82 -15.35 15.86 -11.29
CA ASP C 82 -14.16 15.93 -10.47
C ASP C 82 -14.51 15.79 -8.99
N PHE C 83 -15.76 15.40 -8.68
CA PHE C 83 -16.14 15.01 -7.34
C PHE C 83 -15.43 13.72 -6.96
N ALA C 84 -14.48 13.82 -6.01
CA ALA C 84 -13.69 12.68 -5.60
C ALA C 84 -12.91 13.01 -4.32
N VAL C 85 -12.32 11.96 -3.72
CA VAL C 85 -11.36 12.14 -2.65
C VAL C 85 -9.96 12.01 -3.24
N TYR C 86 -9.12 13.02 -2.99
CA TYR C 86 -7.80 13.09 -3.58
C TYR C 86 -6.74 12.79 -2.52
N TYR C 87 -5.84 11.87 -2.84
CA TYR C 87 -4.80 11.41 -1.94
C TYR C 87 -3.42 11.69 -2.55
N CYS C 88 -2.43 11.90 -1.68
CA CYS C 88 -1.04 11.94 -2.09
C CYS C 88 -0.33 10.71 -1.54
N GLN C 89 0.87 10.45 -2.06
CA GLN C 89 1.66 9.29 -1.67
C GLN C 89 3.14 9.59 -1.90
N GLN C 90 3.93 9.53 -0.82
CA GLN C 90 5.38 9.63 -0.93
C GLN C 90 5.93 8.25 -1.30
N TYR C 91 7.03 8.25 -2.05
CA TYR C 91 7.75 7.02 -2.35
C TYR C 91 9.25 7.29 -2.35
N ASN C 92 9.68 8.16 -1.41
CA ASN C 92 11.09 8.47 -1.20
C ASN C 92 11.64 7.60 -0.07
N ASN C 93 10.75 7.20 0.86
CA ASN C 93 11.12 6.48 2.07
C ASN C 93 10.20 5.28 2.22
N TRP C 94 10.79 4.10 2.45
CA TRP C 94 10.02 2.88 2.67
C TRP C 94 9.67 2.77 4.16
N PRO C 95 8.43 2.37 4.53
CA PRO C 95 7.35 2.07 3.57
C PRO C 95 6.69 3.32 3.01
N TRP C 96 5.94 3.13 1.91
CA TRP C 96 5.18 4.21 1.31
C TRP C 96 4.03 4.58 2.24
N THR C 97 3.72 5.89 2.29
CA THR C 97 2.64 6.39 3.13
C THR C 97 1.76 7.31 2.31
N PHE C 98 0.44 7.29 2.58
CA PHE C 98 -0.52 8.13 1.89
C PHE C 98 -1.03 9.20 2.85
N GLY C 99 -1.62 10.26 2.30
CA GLY C 99 -2.32 11.26 3.09
C GLY C 99 -3.70 10.74 3.51
N GLN C 100 -4.34 11.48 4.44
CA GLN C 100 -5.63 11.07 4.97
C GLN C 100 -6.73 11.34 3.94
N GLY C 101 -6.49 12.29 3.03
CA GLY C 101 -7.39 12.55 1.92
C GLY C 101 -7.93 13.98 1.94
N THR C 102 -8.37 14.45 0.76
CA THR C 102 -8.99 15.76 0.62
C THR C 102 -10.21 15.62 -0.30
N LYS C 103 -11.41 15.62 0.29
CA LYS C 103 -12.64 15.42 -0.45
C LYS C 103 -13.07 16.73 -1.10
N VAL C 104 -13.28 16.70 -2.42
CA VAL C 104 -13.71 17.85 -3.17
C VAL C 104 -15.22 17.72 -3.43
N GLU C 105 -15.99 18.71 -2.96
CA GLU C 105 -17.43 18.74 -3.14
C GLU C 105 -17.80 19.83 -4.14
N ILE C 106 -18.89 19.61 -4.88
CA ILE C 106 -19.30 20.48 -5.97
C ILE C 106 -20.48 21.33 -5.51
N LYS C 107 -20.39 22.65 -5.70
CA LYS C 107 -21.47 23.57 -5.40
C LYS C 107 -22.33 23.77 -6.65
N ARG C 108 -23.64 23.61 -6.48
CA ARG C 108 -24.61 23.84 -7.54
C ARG C 108 -25.75 24.69 -6.98
N THR C 109 -26.72 25.02 -7.85
CA THR C 109 -27.91 25.75 -7.45
C THR C 109 -28.86 24.82 -6.69
N VAL C 110 -29.76 25.41 -5.90
CA VAL C 110 -30.71 24.67 -5.10
C VAL C 110 -31.67 23.92 -6.03
N ALA C 111 -32.06 22.70 -5.61
CA ALA C 111 -32.94 21.85 -6.39
C ALA C 111 -33.85 21.04 -5.47
N ALA C 112 -35.16 21.16 -5.69
CA ALA C 112 -36.16 20.51 -4.85
C ALA C 112 -36.21 19.01 -5.17
N PRO C 113 -36.47 18.14 -4.17
CA PRO C 113 -36.53 16.69 -4.40
C PRO C 113 -37.86 16.21 -4.98
N SER C 114 -37.78 15.28 -5.93
CA SER C 114 -38.94 14.51 -6.37
C SER C 114 -39.19 13.40 -5.36
N VAL C 115 -40.42 13.34 -4.82
CA VAL C 115 -40.74 12.43 -3.74
C VAL C 115 -41.59 11.29 -4.28
N PHE C 116 -41.15 10.06 -4.00
CA PHE C 116 -41.86 8.85 -4.39
C PHE C 116 -42.00 7.96 -3.15
N ILE C 117 -43.08 7.16 -3.10
CA ILE C 117 -43.28 6.24 -1.99
C ILE C 117 -43.67 4.87 -2.56
N PHE C 118 -43.26 3.82 -1.85
CA PHE C 118 -43.51 2.45 -2.27
C PHE C 118 -44.09 1.65 -1.10
N PRO C 119 -45.27 1.02 -1.25
CA PRO C 119 -45.82 0.16 -0.20
C PRO C 119 -45.00 -1.13 -0.04
N PRO C 120 -45.26 -1.93 1.03
CA PRO C 120 -44.57 -3.20 1.21
C PRO C 120 -44.89 -4.23 0.13
N SER C 121 -43.90 -5.06 -0.20
CA SER C 121 -44.08 -6.14 -1.16
C SER C 121 -44.98 -7.21 -0.58
N ASP C 122 -45.74 -7.90 -1.46
CA ASP C 122 -46.65 -8.96 -1.05
C ASP C 122 -45.84 -10.19 -0.63
N GLU C 123 -44.64 -10.34 -1.21
CA GLU C 123 -43.72 -11.40 -0.83
C GLU C 123 -43.25 -11.15 0.60
N GLN C 124 -42.96 -9.88 0.92
CA GLN C 124 -42.45 -9.49 2.21
C GLN C 124 -43.51 -9.67 3.29
N LEU C 125 -44.77 -9.37 2.97
CA LEU C 125 -45.85 -9.44 3.94
C LEU C 125 -46.07 -10.88 4.40
N LYS C 126 -45.91 -11.85 3.49
CA LYS C 126 -46.06 -13.25 3.85
C LYS C 126 -44.90 -13.70 4.75
N SER C 127 -43.78 -12.98 4.70
CA SER C 127 -42.67 -13.22 5.61
C SER C 127 -43.09 -12.85 7.04
N GLY C 128 -43.58 -11.62 7.22
CA GLY C 128 -43.97 -11.13 8.53
C GLY C 128 -43.66 -9.64 8.70
N THR C 129 -42.59 -9.18 8.04
CA THR C 129 -42.17 -7.79 8.09
C THR C 129 -42.94 -7.01 7.02
N ALA C 130 -42.97 -5.67 7.17
CA ALA C 130 -43.55 -4.79 6.17
C ALA C 130 -42.75 -3.49 6.13
N SER C 131 -42.06 -3.25 5.01
CA SER C 131 -41.19 -2.09 4.86
C SER C 131 -41.82 -1.10 3.88
N VAL C 132 -42.01 0.14 4.34
CA VAL C 132 -42.50 1.22 3.50
C VAL C 132 -41.31 2.12 3.17
N VAL C 133 -41.11 2.39 1.87
CA VAL C 133 -39.94 3.10 1.40
C VAL C 133 -40.36 4.47 0.87
N CYS C 134 -39.74 5.52 1.40
CA CYS C 134 -39.82 6.86 0.82
C CYS C 134 -38.56 7.11 0.00
N LEU C 135 -38.66 7.96 -1.02
CA LEU C 135 -37.54 8.25 -1.91
C LEU C 135 -37.53 9.72 -2.28
N LEU C 136 -36.51 10.44 -1.81
CA LEU C 136 -36.20 11.78 -2.29
C LEU C 136 -35.13 11.65 -3.37
N ASN C 137 -35.43 12.14 -4.57
CA ASN C 137 -34.60 11.88 -5.74
C ASN C 137 -34.05 13.21 -6.27
N ASN C 138 -32.72 13.30 -6.36
CA ASN C 138 -32.02 14.37 -7.04
C ASN C 138 -32.40 15.72 -6.44
N PHE C 139 -31.73 16.10 -5.34
CA PHE C 139 -31.94 17.39 -4.70
C PHE C 139 -30.59 17.95 -4.23
N TYR C 140 -30.62 19.22 -3.84
CA TYR C 140 -29.46 19.91 -3.29
C TYR C 140 -29.95 21.17 -2.56
N PRO C 141 -29.45 21.48 -1.35
CA PRO C 141 -28.35 20.75 -0.70
C PRO C 141 -28.79 19.49 0.05
N ARG C 142 -27.82 18.87 0.73
CA ARG C 142 -27.99 17.57 1.38
C ARG C 142 -29.07 17.63 2.46
N GLU C 143 -29.17 18.76 3.16
CA GLU C 143 -30.05 18.88 4.32
C GLU C 143 -31.49 18.70 3.89
N ALA C 144 -32.09 17.57 4.28
CA ALA C 144 -33.46 17.24 3.92
C ALA C 144 -34.14 16.49 5.06
N LYS C 145 -35.34 16.94 5.44
CA LYS C 145 -36.08 16.36 6.56
C LYS C 145 -37.12 15.38 6.02
N VAL C 146 -37.31 14.27 6.74
CA VAL C 146 -38.34 13.28 6.42
C VAL C 146 -39.09 12.95 7.70
N GLN C 147 -40.42 12.86 7.60
CA GLN C 147 -41.26 12.48 8.73
C GLN C 147 -42.31 11.48 8.26
N TRP C 148 -42.32 10.30 8.90
CA TRP C 148 -43.32 9.29 8.65
C TRP C 148 -44.56 9.58 9.49
N LYS C 149 -45.74 9.50 8.85
CA LYS C 149 -47.01 9.64 9.54
C LYS C 149 -47.89 8.43 9.22
N VAL C 150 -48.44 7.82 10.27
CA VAL C 150 -49.34 6.68 10.13
C VAL C 150 -50.69 7.06 10.72
N ASP C 151 -51.67 7.31 9.84
CA ASP C 151 -52.95 7.90 10.19
C ASP C 151 -52.73 9.30 10.75
N ASN C 152 -51.79 10.03 10.14
CA ASN C 152 -51.46 11.41 10.51
C ASN C 152 -50.81 11.44 11.89
N ALA C 153 -50.24 10.30 12.32
CA ALA C 153 -49.62 10.18 13.62
C ALA C 153 -48.11 10.04 13.45
N LEU C 154 -47.36 11.04 13.93
CA LEU C 154 -45.94 11.17 13.63
C LEU C 154 -45.17 10.03 14.28
N GLN C 155 -44.56 9.18 13.45
CA GLN C 155 -43.84 8.00 13.92
C GLN C 155 -42.46 8.42 14.44
N SER C 156 -41.86 7.55 15.25
CA SER C 156 -40.61 7.86 15.93
C SER C 156 -39.90 6.57 16.34
N GLY C 157 -38.79 6.27 15.65
CA GLY C 157 -37.85 5.25 16.07
C GLY C 157 -38.11 3.87 15.45
N ASN C 158 -38.59 3.86 14.20
CA ASN C 158 -38.86 2.61 13.49
C ASN C 158 -38.53 2.78 12.01
N SER C 159 -37.51 3.61 11.71
CA SER C 159 -37.13 3.90 10.34
C SER C 159 -35.65 4.28 10.29
N GLN C 160 -35.06 4.15 9.08
CA GLN C 160 -33.65 4.45 8.86
C GLN C 160 -33.49 5.19 7.54
N GLU C 161 -32.63 6.22 7.54
CA GLU C 161 -32.33 6.99 6.34
C GLU C 161 -31.01 6.52 5.73
N SER C 162 -30.78 6.90 4.47
CA SER C 162 -29.51 6.71 3.80
C SER C 162 -29.41 7.66 2.62
N VAL C 163 -28.42 8.56 2.66
CA VAL C 163 -28.18 9.51 1.58
C VAL C 163 -27.11 8.94 0.66
N THR C 164 -27.22 9.25 -0.63
CA THR C 164 -26.21 8.86 -1.62
C THR C 164 -25.05 9.85 -1.59
N GLU C 165 -23.94 9.46 -2.21
CA GLU C 165 -22.85 10.37 -2.49
C GLU C 165 -23.32 11.37 -3.55
N GLN C 166 -22.51 12.41 -3.77
CA GLN C 166 -22.86 13.47 -4.69
C GLN C 166 -22.76 12.94 -6.12
N ASP C 167 -23.75 13.27 -6.96
CA ASP C 167 -23.84 12.74 -8.31
C ASP C 167 -22.73 13.35 -9.16
N SER C 168 -22.25 12.57 -10.14
CA SER C 168 -21.13 12.97 -10.97
CA SER C 168 -21.14 12.95 -10.98
C SER C 168 -21.57 13.98 -12.02
N LYS C 169 -22.84 13.91 -12.43
CA LYS C 169 -23.38 14.75 -13.48
C LYS C 169 -24.19 15.90 -12.89
N ASP C 170 -25.19 15.56 -12.08
CA ASP C 170 -26.15 16.52 -11.57
C ASP C 170 -25.56 17.34 -10.42
N SER C 171 -24.68 16.70 -9.63
CA SER C 171 -24.15 17.27 -8.39
C SER C 171 -25.23 17.26 -7.30
N THR C 172 -26.20 16.35 -7.43
CA THR C 172 -27.34 16.28 -6.54
C THR C 172 -27.21 15.06 -5.64
N TYR C 173 -28.09 14.99 -4.62
CA TYR C 173 -28.14 13.87 -3.70
C TYR C 173 -29.51 13.18 -3.80
N SER C 174 -29.57 11.95 -3.29
CA SER C 174 -30.83 11.23 -3.13
C SER C 174 -30.87 10.62 -1.72
N LEU C 175 -32.08 10.45 -1.20
CA LEU C 175 -32.28 9.90 0.13
C LEU C 175 -33.25 8.73 0.05
N SER C 176 -33.12 7.78 0.98
CA SER C 176 -34.02 6.64 1.07
C SER C 176 -34.33 6.33 2.53
N SER C 177 -35.49 6.82 2.99
CA SER C 177 -36.02 6.49 4.31
C SER C 177 -36.88 5.25 4.20
N THR C 178 -36.87 4.41 5.25
CA THR C 178 -37.53 3.11 5.21
C THR C 178 -38.19 2.83 6.56
N LEU C 179 -39.52 2.95 6.61
CA LEU C 179 -40.29 2.61 7.79
C LEU C 179 -40.51 1.09 7.81
N THR C 180 -40.05 0.44 8.89
CA THR C 180 -40.13 -1.01 9.01
C THR C 180 -41.00 -1.37 10.21
N LEU C 181 -42.09 -2.10 9.93
CA LEU C 181 -43.02 -2.57 10.95
C LEU C 181 -43.29 -4.06 10.74
N SER C 182 -43.88 -4.70 11.75
CA SER C 182 -44.41 -6.05 11.61
C SER C 182 -45.74 -5.99 10.86
N LYS C 183 -46.21 -7.15 10.41
CA LYS C 183 -47.50 -7.25 9.73
C LYS C 183 -48.62 -6.94 10.73
N ALA C 184 -48.48 -7.45 11.96
CA ALA C 184 -49.42 -7.20 13.03
C ALA C 184 -49.66 -5.70 13.19
N ASP C 185 -48.56 -4.92 13.21
CA ASP C 185 -48.63 -3.48 13.38
C ASP C 185 -49.06 -2.80 12.08
N TYR C 186 -48.70 -3.40 10.94
CA TYR C 186 -49.01 -2.82 9.63
C TYR C 186 -50.51 -2.92 9.35
N GLU C 187 -51.13 -4.03 9.74
CA GLU C 187 -52.52 -4.30 9.42
C GLU C 187 -53.45 -3.47 10.31
N LYS C 188 -52.93 -2.93 11.42
CA LYS C 188 -53.71 -2.14 12.36
C LYS C 188 -54.07 -0.78 11.76
N HIS C 189 -53.18 -0.21 10.96
CA HIS C 189 -53.31 1.16 10.48
C HIS C 189 -53.61 1.15 8.97
N LYS C 190 -54.19 2.27 8.49
CA LYS C 190 -54.70 2.36 7.13
C LYS C 190 -53.81 3.27 6.30
N VAL C 191 -53.71 4.55 6.71
CA VAL C 191 -53.03 5.57 5.93
C VAL C 191 -51.55 5.58 6.29
N TYR C 192 -50.69 5.49 5.27
CA TYR C 192 -49.26 5.63 5.44
C TYR C 192 -48.76 6.76 4.56
N ALA C 193 -47.93 7.64 5.12
CA ALA C 193 -47.48 8.84 4.43
C ALA C 193 -46.07 9.21 4.90
N CYS C 194 -45.39 10.04 4.10
CA CYS C 194 -44.11 10.61 4.49
C CYS C 194 -44.04 12.07 4.02
N GLU C 195 -43.83 12.98 4.99
CA GLU C 195 -43.75 14.40 4.72
C GLU C 195 -42.28 14.78 4.55
N VAL C 196 -42.00 15.66 3.58
CA VAL C 196 -40.64 15.97 3.16
C VAL C 196 -40.47 17.49 3.13
N THR C 197 -39.57 18.00 3.99
CA THR C 197 -39.22 19.41 4.02
C THR C 197 -37.84 19.60 3.37
N HIS C 198 -37.70 20.70 2.63
CA HIS C 198 -36.46 21.02 1.92
C HIS C 198 -36.45 22.49 1.54
N GLN C 199 -35.26 23.04 1.25
CA GLN C 199 -35.12 24.44 0.88
C GLN C 199 -35.90 24.74 -0.40
N GLY C 200 -35.72 23.89 -1.41
CA GLY C 200 -36.34 24.06 -2.72
C GLY C 200 -37.86 24.09 -2.65
N LEU C 201 -38.44 23.35 -1.69
CA LEU C 201 -39.87 23.28 -1.51
C LEU C 201 -40.38 24.55 -0.82
N SER C 202 -41.47 25.11 -1.36
CA SER C 202 -42.13 26.26 -0.77
CA SER C 202 -42.13 26.26 -0.77
C SER C 202 -42.95 25.82 0.45
N SER C 203 -43.36 24.54 0.45
CA SER C 203 -44.07 23.94 1.57
C SER C 203 -43.87 22.43 1.54
N PRO C 204 -44.03 21.73 2.69
CA PRO C 204 -43.83 20.28 2.76
C PRO C 204 -44.63 19.49 1.72
N VAL C 205 -43.98 18.45 1.15
CA VAL C 205 -44.59 17.58 0.16
C VAL C 205 -44.91 16.25 0.83
N THR C 206 -46.10 15.70 0.52
CA THR C 206 -46.56 14.46 1.13
C THR C 206 -46.97 13.48 0.03
N LYS C 207 -46.30 12.33 0.00
CA LYS C 207 -46.77 11.16 -0.74
C LYS C 207 -47.37 10.18 0.28
N SER C 208 -48.46 9.51 -0.11
CA SER C 208 -49.20 8.66 0.81
C SER C 208 -50.00 7.61 0.06
N PHE C 209 -50.49 6.61 0.82
CA PHE C 209 -51.33 5.55 0.28
C PHE C 209 -52.14 4.91 1.39
N ASN C 210 -53.10 4.07 0.99
CA ASN C 210 -53.86 3.22 1.89
C ASN C 210 -53.55 1.76 1.57
N ARG C 211 -53.92 0.85 2.47
CA ARG C 211 -53.84 -0.57 2.19
C ARG C 211 -55.05 -0.97 1.34
N GLY C 212 -54.81 -1.26 0.06
CA GLY C 212 -55.88 -1.61 -0.87
C GLY C 212 -55.45 -1.47 -2.31
#